data_1YDO
#
_entry.id   1YDO
#
_cell.length_a   62.693
_cell.length_b   104.666
_cell.length_c   97.445
_cell.angle_alpha   90.00
_cell.angle_beta   107.43
_cell.angle_gamma   90.00
#
_symmetry.space_group_name_H-M   'P 1 21 1'
#
loop_
_entity.id
_entity.type
_entity.pdbx_description
1 polymer 'HMG-CoA Lyase'
2 non-polymer 'IODIDE ION'
3 water water
#
_entity_poly.entity_id   1
_entity_poly.type   'polypeptide(L)'
_entity_poly.pdbx_seq_one_letter_code
;(MSE)PYPKKVTIKEVGPRDGLQNEPVWIATEDKITWINQLSRTGLSYIEITSFVHPKWIPALRDAIDVAKGIDREKGVT
YAALVPNQRGLENALEGGINEACVF(MSE)SASETHNRKNINKSTSESLHILKQVNNDAQKANLTTRAYLSTVFGCPYEK
DVPIEQVIRLSEALFEFGISELSLGDTIGAANPAQVETVLEALLARFPANQIALHFHDTRGTALAN(MSE)VTALQ
(MSE)GITVFDGSAGGLGGCPYAPGSSGNAATEDIVY(MSE)LEQ(MSE)DIKTNVKLEKLLSAAKWIEEK(MSE)GKPL
PSRNLQVFKSSLEHHHHHH
;
_entity_poly.pdbx_strand_id   A,B,C,D
#
loop_
_chem_comp.id
_chem_comp.type
_chem_comp.name
_chem_comp.formula
IOD non-polymer 'IODIDE ION' 'I -1'
#
# COMPACT_ATOMS: atom_id res chain seq x y z
N MSE A 1 31.37 6.45 27.73
CA MSE A 1 31.83 6.48 26.31
C MSE A 1 31.50 5.19 25.54
O MSE A 1 30.75 5.21 24.57
CB MSE A 1 33.34 6.72 26.23
CG MSE A 1 33.84 6.68 24.80
SE MSE A 1 33.19 8.19 23.79
CE MSE A 1 31.60 7.43 22.98
N PRO A 2 32.08 4.05 25.95
CA PRO A 2 31.82 2.79 25.28
C PRO A 2 30.37 2.32 25.41
N TYR A 3 29.80 1.84 24.31
CA TYR A 3 28.41 1.37 24.33
C TYR A 3 28.22 0.30 25.40
N PRO A 4 27.05 0.30 26.05
CA PRO A 4 26.74 -0.67 27.10
C PRO A 4 26.83 -2.11 26.62
N LYS A 5 27.01 -3.04 27.55
CA LYS A 5 27.13 -4.45 27.19
C LYS A 5 25.78 -5.13 26.97
N LYS A 6 24.78 -4.70 27.73
CA LYS A 6 23.45 -5.29 27.61
C LYS A 6 22.38 -4.20 27.65
N VAL A 7 21.36 -4.37 26.83
CA VAL A 7 20.27 -3.43 26.76
C VAL A 7 18.95 -4.13 26.67
N THR A 8 18.04 -3.81 27.60
CA THR A 8 16.73 -4.42 27.62
C THR A 8 15.72 -3.69 26.74
N ILE A 9 15.15 -4.43 25.79
CA ILE A 9 14.15 -3.88 24.88
C ILE A 9 12.76 -4.41 25.24
N LYS A 10 11.78 -3.52 25.25
CA LYS A 10 10.41 -3.90 25.59
C LYS A 10 9.46 -3.89 24.39
N GLU A 11 8.77 -5.01 24.18
CA GLU A 11 7.83 -5.15 23.08
C GLU A 11 6.48 -4.52 23.43
N VAL A 12 5.95 -3.66 22.56
CA VAL A 12 4.64 -3.04 22.80
C VAL A 12 3.74 -3.19 21.59
N GLY A 13 4.10 -4.12 20.71
CA GLY A 13 3.34 -4.35 19.50
C GLY A 13 1.90 -4.77 19.71
N PRO A 14 1.69 -5.81 20.53
CA PRO A 14 0.33 -6.28 20.78
C PRO A 14 -0.57 -5.20 21.35
N ARG A 15 0.02 -4.09 21.78
CA ARG A 15 -0.80 -3.04 22.34
C ARG A 15 -0.75 -1.78 21.48
N ASP A 16 0.32 -1.00 21.63
CA ASP A 16 0.49 0.24 20.86
C ASP A 16 0.44 -0.03 19.35
N GLY A 17 0.82 -1.24 18.97
CA GLY A 17 0.79 -1.59 17.57
C GLY A 17 -0.58 -1.96 17.07
N LEU A 18 -1.23 -2.88 17.77
CA LEU A 18 -2.55 -3.29 17.31
C LEU A 18 -3.63 -2.22 17.41
N GLN A 19 -3.55 -1.37 18.44
CA GLN A 19 -4.56 -0.32 18.59
C GLN A 19 -4.35 0.81 17.60
N ASN A 20 -3.27 0.74 16.85
CA ASN A 20 -2.97 1.76 15.86
C ASN A 20 -3.14 1.23 14.42
N GLU A 21 -3.69 0.04 14.31
CA GLU A 21 -3.93 -0.56 13.01
C GLU A 21 -5.42 -0.61 12.72
N PRO A 22 -5.84 -0.06 11.57
CA PRO A 22 -7.25 -0.04 11.17
C PRO A 22 -7.75 -1.41 10.74
N VAL A 23 -7.36 -2.42 11.49
CA VAL A 23 -7.78 -3.78 11.18
C VAL A 23 -7.96 -4.56 12.46
N TRP A 24 -9.03 -5.35 12.53
CA TRP A 24 -9.25 -6.13 13.74
C TRP A 24 -8.65 -7.52 13.64
N ILE A 25 -7.78 -7.83 14.60
CA ILE A 25 -7.16 -9.14 14.64
C ILE A 25 -7.99 -10.02 15.56
N ALA A 26 -8.42 -11.15 15.05
CA ALA A 26 -9.23 -12.06 15.83
C ALA A 26 -8.61 -12.22 17.20
N THR A 27 -9.45 -12.18 18.22
CA THR A 27 -9.03 -12.32 19.60
C THR A 27 -8.11 -13.52 19.74
N GLU A 28 -8.42 -14.62 19.09
CA GLU A 28 -7.57 -15.81 19.21
C GLU A 28 -6.19 -15.56 18.62
N ASP A 29 -6.17 -15.10 17.37
CA ASP A 29 -4.91 -14.81 16.68
C ASP A 29 -3.97 -13.96 17.55
N LYS A 30 -4.54 -12.98 18.25
CA LYS A 30 -3.71 -12.15 19.10
C LYS A 30 -2.94 -13.08 20.03
N ILE A 31 -3.66 -13.96 20.71
CA ILE A 31 -3.05 -14.91 21.62
C ILE A 31 -1.98 -15.72 20.92
N THR A 32 -2.33 -16.31 19.79
CA THR A 32 -1.38 -17.11 19.05
C THR A 32 -0.09 -16.36 18.75
N TRP A 33 -0.22 -15.06 18.44
CA TRP A 33 0.94 -14.21 18.12
C TRP A 33 1.75 -13.82 19.33
N ILE A 34 1.05 -13.53 20.43
CA ILE A 34 1.69 -13.15 21.68
C ILE A 34 2.43 -14.35 22.25
N ASN A 35 1.93 -15.54 21.92
CA ASN A 35 2.57 -16.76 22.39
C ASN A 35 3.95 -16.86 21.75
N GLN A 36 3.98 -16.65 20.45
CA GLN A 36 5.25 -16.68 19.73
C GLN A 36 6.20 -15.71 20.42
N LEU A 37 5.75 -14.47 20.56
CA LEU A 37 6.55 -13.45 21.21
C LEU A 37 7.11 -13.90 22.55
N SER A 38 6.25 -14.42 23.43
CA SER A 38 6.66 -14.90 24.75
C SER A 38 7.89 -15.78 24.67
N ARG A 39 7.90 -16.72 23.73
CA ARG A 39 9.05 -17.59 23.60
C ARG A 39 9.96 -17.13 22.48
N THR A 40 10.29 -15.84 22.51
CA THR A 40 11.13 -15.26 21.49
C THR A 40 12.46 -14.82 22.12
N GLY A 41 12.42 -14.56 23.42
CA GLY A 41 13.61 -14.13 24.11
C GLY A 41 13.30 -12.84 24.82
N LEU A 42 12.31 -12.13 24.31
CA LEU A 42 11.91 -10.87 24.94
C LEU A 42 11.55 -11.17 26.39
N SER A 43 11.77 -10.22 27.28
CA SER A 43 11.47 -10.39 28.69
C SER A 43 10.40 -9.42 29.17
N TYR A 44 9.73 -8.74 28.24
CA TYR A 44 8.70 -7.78 28.59
C TYR A 44 7.76 -7.60 27.41
N ILE A 45 6.46 -7.68 27.66
CA ILE A 45 5.48 -7.55 26.59
C ILE A 45 4.17 -6.93 27.04
N GLU A 46 3.79 -5.78 26.48
CA GLU A 46 2.52 -5.20 26.85
C GLU A 46 1.44 -5.96 26.08
N ILE A 47 0.88 -7.01 26.68
CA ILE A 47 -0.13 -7.80 25.99
C ILE A 47 -1.35 -7.03 25.52
N THR A 48 -1.76 -6.01 26.25
CA THR A 48 -2.95 -5.25 25.86
C THR A 48 -3.16 -3.99 26.68
N SER A 49 -4.26 -3.30 26.40
CA SER A 49 -4.62 -2.06 27.10
C SER A 49 -6.00 -2.21 27.74
N PHE A 50 -6.13 -1.73 28.97
CA PHE A 50 -7.41 -1.79 29.65
C PHE A 50 -8.16 -0.49 29.64
N VAL A 51 -7.99 0.26 28.56
CA VAL A 51 -8.72 1.50 28.41
C VAL A 51 -10.13 1.05 27.98
N HIS A 52 -11.17 1.82 28.32
CA HIS A 52 -12.52 1.43 27.93
C HIS A 52 -12.62 1.07 26.44
N PRO A 53 -13.10 -0.15 26.14
CA PRO A 53 -13.24 -0.64 24.75
C PRO A 53 -13.85 0.35 23.75
N LYS A 54 -14.60 1.33 24.26
CA LYS A 54 -15.23 2.33 23.41
C LYS A 54 -14.21 3.15 22.63
N TRP A 55 -13.08 3.42 23.26
CA TRP A 55 -12.04 4.22 22.61
C TRP A 55 -11.04 3.36 21.86
N ILE A 56 -10.88 2.11 22.28
CA ILE A 56 -9.92 1.21 21.64
C ILE A 56 -10.58 -0.08 21.19
N PRO A 57 -11.55 0.03 20.26
CA PRO A 57 -12.27 -1.13 19.75
C PRO A 57 -11.39 -2.25 19.21
N ALA A 58 -10.17 -1.90 18.79
CA ALA A 58 -9.25 -2.90 18.25
C ALA A 58 -8.72 -3.80 19.37
N LEU A 59 -8.87 -3.35 20.60
CA LEU A 59 -8.40 -4.13 21.72
C LEU A 59 -9.50 -4.31 22.76
N ARG A 60 -10.72 -4.55 22.29
CA ARG A 60 -11.84 -4.75 23.21
C ARG A 60 -11.73 -6.07 23.94
N ASP A 61 -10.87 -6.95 23.45
CA ASP A 61 -10.69 -8.27 24.04
C ASP A 61 -9.53 -8.32 25.04
N ALA A 62 -9.25 -7.17 25.65
CA ALA A 62 -8.15 -7.10 26.61
C ALA A 62 -8.23 -8.19 27.68
N ILE A 63 -9.31 -8.20 28.45
CA ILE A 63 -9.46 -9.17 29.53
C ILE A 63 -9.39 -10.62 29.03
N ASP A 64 -9.89 -10.86 27.82
CA ASP A 64 -9.86 -12.19 27.23
C ASP A 64 -8.45 -12.62 26.86
N VAL A 65 -7.71 -11.71 26.22
CA VAL A 65 -6.34 -12.03 25.81
C VAL A 65 -5.44 -12.15 27.02
N ALA A 66 -5.70 -11.33 28.02
CA ALA A 66 -4.88 -11.33 29.23
C ALA A 66 -4.90 -12.69 29.93
N LYS A 67 -5.93 -13.48 29.66
CA LYS A 67 -6.08 -14.80 30.28
C LYS A 67 -5.82 -15.92 29.28
N GLY A 68 -5.67 -15.56 28.02
CA GLY A 68 -5.42 -16.56 27.00
C GLY A 68 -3.96 -16.88 26.72
N ILE A 69 -3.09 -15.87 26.82
CA ILE A 69 -1.67 -16.05 26.57
C ILE A 69 -1.05 -17.21 27.36
N ASP A 70 0.07 -17.72 26.87
CA ASP A 70 0.77 -18.81 27.54
C ASP A 70 1.43 -18.36 28.83
N ARG A 71 1.98 -17.15 28.82
CA ARG A 71 2.63 -16.61 30.01
C ARG A 71 3.86 -17.45 30.40
N GLU A 72 5.00 -17.07 29.86
CA GLU A 72 6.27 -17.77 30.10
C GLU A 72 6.99 -17.17 31.30
N LYS A 73 7.92 -17.94 31.84
CA LYS A 73 8.71 -17.51 32.99
C LYS A 73 9.84 -16.56 32.59
N GLY A 74 10.08 -15.59 33.45
CA GLY A 74 11.12 -14.62 33.18
C GLY A 74 10.58 -13.53 32.27
N VAL A 75 9.31 -13.63 31.92
CA VAL A 75 8.68 -12.67 31.04
C VAL A 75 7.77 -11.77 31.85
N THR A 76 7.87 -10.48 31.62
CA THR A 76 7.04 -9.53 32.36
C THR A 76 5.90 -9.10 31.44
N TYR A 77 4.68 -9.53 31.75
CA TYR A 77 3.51 -9.16 30.96
C TYR A 77 2.85 -7.92 31.54
N ALA A 78 2.86 -6.85 30.75
CA ALA A 78 2.29 -5.59 31.20
C ALA A 78 1.10 -5.16 30.36
N ALA A 79 0.32 -4.22 30.89
CA ALA A 79 -0.84 -3.72 30.18
C ALA A 79 -1.01 -2.24 30.50
N LEU A 80 -1.62 -1.52 29.58
CA LEU A 80 -1.83 -0.12 29.81
C LEU A 80 -3.01 0.02 30.79
N VAL A 81 -2.86 0.84 31.82
CA VAL A 81 -3.94 1.04 32.77
C VAL A 81 -4.30 2.51 32.87
N PRO A 82 -5.50 2.87 32.43
CA PRO A 82 -5.98 4.25 32.44
C PRO A 82 -6.33 4.82 33.80
N ASN A 83 -6.85 3.97 34.68
CA ASN A 83 -7.25 4.40 36.04
C ASN A 83 -7.63 3.22 36.93
N GLN A 84 -8.00 3.52 38.18
CA GLN A 84 -8.37 2.49 39.15
C GLN A 84 -9.30 1.41 38.60
N ARG A 85 -10.36 1.85 37.93
CA ARG A 85 -11.35 0.94 37.33
C ARG A 85 -10.64 0.00 36.37
N GLY A 86 -9.65 0.54 35.67
CA GLY A 86 -8.89 -0.26 34.73
C GLY A 86 -7.93 -1.18 35.48
N LEU A 87 -7.29 -0.66 36.50
CA LEU A 87 -6.34 -1.43 37.29
C LEU A 87 -7.05 -2.65 37.84
N GLU A 88 -8.34 -2.50 38.13
CA GLU A 88 -9.14 -3.59 38.65
C GLU A 88 -9.15 -4.73 37.64
N ASN A 89 -9.56 -4.41 36.41
CA ASN A 89 -9.62 -5.43 35.37
C ASN A 89 -8.25 -6.04 35.10
N ALA A 90 -7.22 -5.20 35.09
CA ALA A 90 -5.86 -5.65 34.84
C ALA A 90 -5.47 -6.67 35.90
N LEU A 91 -5.90 -6.43 37.13
CA LEU A 91 -5.61 -7.33 38.25
C LEU A 91 -6.21 -8.69 38.01
N GLU A 92 -7.41 -8.71 37.45
CA GLU A 92 -8.06 -9.96 37.16
C GLU A 92 -7.39 -10.65 35.98
N GLY A 93 -6.84 -9.86 35.08
CA GLY A 93 -6.17 -10.41 33.92
C GLY A 93 -4.84 -11.09 34.27
N GLY A 94 -4.27 -10.71 35.40
CA GLY A 94 -3.02 -11.30 35.83
C GLY A 94 -1.79 -10.49 35.44
N ILE A 95 -2.01 -9.31 34.89
CA ILE A 95 -0.91 -8.45 34.47
C ILE A 95 0.12 -8.27 35.58
N ASN A 96 1.39 -8.44 35.26
CA ASN A 96 2.45 -8.28 36.23
C ASN A 96 2.75 -6.80 36.43
N GLU A 97 2.81 -6.04 35.35
CA GLU A 97 3.11 -4.62 35.45
C GLU A 97 2.08 -3.73 34.78
N ALA A 98 1.72 -2.66 35.47
CA ALA A 98 0.75 -1.73 34.96
C ALA A 98 1.48 -0.50 34.46
N CYS A 99 1.09 0.01 33.30
CA CYS A 99 1.75 1.20 32.77
C CYS A 99 0.81 2.37 32.70
N VAL A 100 0.98 3.35 33.56
CA VAL A 100 0.12 4.50 33.47
C VAL A 100 0.63 5.40 32.35
N PHE A 101 -0.12 6.44 32.01
CA PHE A 101 0.31 7.32 30.94
C PHE A 101 -0.32 8.69 31.01
N MSE A 102 0.33 9.64 30.34
CA MSE A 102 -0.14 11.01 30.26
C MSE A 102 0.75 11.76 29.30
O MSE A 102 1.80 11.27 28.91
CB MSE A 102 -0.11 11.68 31.64
CG MSE A 102 1.28 11.99 32.15
SE MSE A 102 1.20 13.01 33.80
CE MSE A 102 0.80 14.76 33.03
N SER A 103 0.33 12.96 28.93
CA SER A 103 1.12 13.76 28.01
C SER A 103 1.83 14.91 28.72
N ALA A 104 3.01 15.26 28.22
CA ALA A 104 3.79 16.36 28.76
C ALA A 104 3.13 17.66 28.31
N SER A 105 2.61 17.64 27.08
CA SER A 105 1.92 18.78 26.50
C SER A 105 0.49 18.86 27.06
N GLU A 106 0.10 20.05 27.51
CA GLU A 106 -1.24 20.23 28.06
C GLU A 106 -2.28 19.96 26.98
N THR A 107 -2.10 20.61 25.83
CA THR A 107 -3.03 20.46 24.70
C THR A 107 -3.22 19.01 24.29
N HIS A 108 -2.10 18.29 24.13
CA HIS A 108 -2.16 16.90 23.73
C HIS A 108 -2.86 16.05 24.79
N ASN A 109 -2.53 16.31 26.04
CA ASN A 109 -3.12 15.57 27.14
C ASN A 109 -4.63 15.79 27.17
N ARG A 110 -5.02 17.06 27.27
CA ARG A 110 -6.44 17.41 27.31
C ARG A 110 -7.18 16.91 26.07
N LYS A 111 -6.48 16.79 24.95
CA LYS A 111 -7.10 16.32 23.72
C LYS A 111 -6.66 14.90 23.42
N ASN A 112 -6.89 14.00 24.37
CA ASN A 112 -6.49 12.61 24.20
C ASN A 112 -7.14 11.79 25.29
N ILE A 113 -7.04 12.27 26.51
CA ILE A 113 -7.65 11.60 27.64
C ILE A 113 -8.50 12.63 28.38
N ASN A 114 -8.61 13.81 27.79
CA ASN A 114 -9.39 14.92 28.33
C ASN A 114 -9.22 15.15 29.83
N LYS A 115 -8.08 15.72 30.20
CA LYS A 115 -7.74 16.04 31.58
C LYS A 115 -6.45 16.84 31.59
N SER A 116 -6.39 17.87 32.43
CA SER A 116 -5.20 18.70 32.50
C SER A 116 -4.06 17.86 33.05
N THR A 117 -2.84 18.32 32.78
CA THR A 117 -1.67 17.61 33.26
C THR A 117 -1.77 17.35 34.76
N SER A 118 -2.28 18.34 35.50
CA SER A 118 -2.43 18.19 36.95
C SER A 118 -3.41 17.09 37.28
N GLU A 119 -4.57 17.16 36.65
CA GLU A 119 -5.62 16.17 36.87
C GLU A 119 -5.08 14.79 36.60
N SER A 120 -4.45 14.61 35.45
CA SER A 120 -3.88 13.30 35.13
C SER A 120 -2.86 12.93 36.18
N LEU A 121 -1.99 13.86 36.50
CA LEU A 121 -0.96 13.61 37.48
C LEU A 121 -1.61 13.03 38.73
N HIS A 122 -2.69 13.65 39.15
CA HIS A 122 -3.41 13.22 40.32
C HIS A 122 -3.94 11.80 40.16
N ILE A 123 -4.40 11.48 38.96
CA ILE A 123 -4.95 10.16 38.68
C ILE A 123 -3.84 9.12 38.83
N LEU A 124 -2.81 9.26 38.03
CA LEU A 124 -1.67 8.35 38.05
C LEU A 124 -1.14 8.18 39.45
N LYS A 125 -1.06 9.29 40.18
CA LYS A 125 -0.59 9.27 41.56
C LYS A 125 -1.28 8.15 42.33
N GLN A 126 -2.61 8.21 42.41
CA GLN A 126 -3.31 7.19 43.15
C GLN A 126 -3.38 5.87 42.36
N VAL A 127 -3.47 5.95 41.04
CA VAL A 127 -3.51 4.72 40.24
C VAL A 127 -2.24 3.90 40.48
N ASN A 128 -1.12 4.60 40.73
CA ASN A 128 0.15 3.93 40.97
C ASN A 128 0.17 3.35 42.37
N ASN A 129 -0.34 4.13 43.32
CA ASN A 129 -0.39 3.74 44.72
C ASN A 129 -1.14 2.41 44.90
N ASP A 130 -2.32 2.31 44.29
CA ASP A 130 -3.12 1.09 44.40
C ASP A 130 -2.47 -0.08 43.65
N ALA A 131 -1.81 0.22 42.55
CA ALA A 131 -1.15 -0.81 41.79
C ALA A 131 -0.08 -1.48 42.61
N GLN A 132 0.85 -0.70 43.13
CA GLN A 132 1.95 -1.23 43.93
C GLN A 132 1.42 -1.96 45.15
N LYS A 133 0.41 -1.36 45.79
CA LYS A 133 -0.19 -1.94 46.97
C LYS A 133 -0.71 -3.33 46.66
N ALA A 134 -0.91 -3.62 45.38
CA ALA A 134 -1.39 -4.92 44.96
C ALA A 134 -0.22 -5.80 44.53
N ASN A 135 1.00 -5.38 44.87
CA ASN A 135 2.21 -6.12 44.52
C ASN A 135 2.39 -6.16 43.01
N LEU A 136 2.22 -5.00 42.39
CA LEU A 136 2.34 -4.88 40.94
C LEU A 136 3.36 -3.80 40.60
N THR A 137 4.30 -4.11 39.72
CA THR A 137 5.31 -3.13 39.34
C THR A 137 4.68 -2.10 38.41
N THR A 138 5.03 -0.83 38.59
CA THR A 138 4.46 0.20 37.76
C THR A 138 5.47 0.86 36.85
N ARG A 139 4.96 1.40 35.74
CA ARG A 139 5.76 2.07 34.75
C ARG A 139 4.95 3.21 34.18
N ALA A 140 5.59 4.35 33.95
CA ALA A 140 4.90 5.53 33.41
C ALA A 140 5.30 5.79 31.96
N TYR A 141 4.32 6.23 31.19
CA TYR A 141 4.49 6.54 29.78
C TYR A 141 4.28 8.01 29.55
N LEU A 142 5.34 8.80 29.59
CA LEU A 142 5.19 10.23 29.37
C LEU A 142 5.30 10.46 27.85
N SER A 143 4.25 11.00 27.24
CA SER A 143 4.31 11.20 25.81
C SER A 143 4.53 12.65 25.44
N THR A 144 4.75 12.86 24.14
CA THR A 144 4.99 14.17 23.55
C THR A 144 6.13 14.93 24.23
N VAL A 145 7.18 14.20 24.63
CA VAL A 145 8.32 14.84 25.30
C VAL A 145 9.29 15.47 24.31
N PHE A 146 9.23 15.06 23.05
CA PHE A 146 10.11 15.61 22.02
C PHE A 146 9.33 16.46 21.01
N GLY A 147 8.26 17.10 21.48
CA GLY A 147 7.49 17.93 20.59
C GLY A 147 6.05 17.47 20.56
N CYS A 148 5.14 18.42 20.38
CA CYS A 148 3.71 18.14 20.34
C CYS A 148 3.11 18.40 18.97
N PRO A 149 2.12 17.60 18.56
CA PRO A 149 1.50 17.81 17.26
C PRO A 149 0.66 19.09 17.25
N TYR A 150 0.32 19.57 18.45
CA TYR A 150 -0.49 20.76 18.61
C TYR A 150 0.35 21.95 19.09
N GLU A 151 1.02 21.79 20.22
CA GLU A 151 1.85 22.87 20.75
C GLU A 151 3.18 22.94 20.05
N LYS A 152 3.43 22.00 19.17
CA LYS A 152 4.68 21.93 18.42
C LYS A 152 5.89 21.80 19.34
N ASP A 153 6.38 22.93 19.87
CA ASP A 153 7.53 22.89 20.76
C ASP A 153 7.12 22.57 22.19
N VAL A 154 7.97 21.84 22.91
CA VAL A 154 7.71 21.50 24.30
C VAL A 154 8.94 21.80 25.14
N PRO A 155 8.82 22.72 26.11
CA PRO A 155 9.93 23.10 27.00
C PRO A 155 10.47 21.94 27.84
N ILE A 156 11.77 21.94 28.06
CA ILE A 156 12.40 20.88 28.82
C ILE A 156 11.98 20.90 30.29
N GLU A 157 11.71 22.10 30.82
CA GLU A 157 11.31 22.27 32.23
C GLU A 157 10.03 21.51 32.53
N GLN A 158 9.17 21.40 31.52
CA GLN A 158 7.90 20.69 31.67
C GLN A 158 8.18 19.22 31.94
N VAL A 159 9.00 18.62 31.08
CA VAL A 159 9.35 17.21 31.20
C VAL A 159 9.96 16.95 32.56
N ILE A 160 10.94 17.78 32.92
CA ILE A 160 11.59 17.64 34.21
C ILE A 160 10.57 17.71 35.32
N ARG A 161 9.76 18.76 35.29
CA ARG A 161 8.71 18.97 36.28
C ARG A 161 7.92 17.68 36.46
N LEU A 162 7.20 17.28 35.42
CA LEU A 162 6.38 16.08 35.44
C LEU A 162 7.20 14.86 35.86
N SER A 163 8.32 14.67 35.20
CA SER A 163 9.19 13.53 35.51
C SER A 163 9.49 13.46 37.00
N GLU A 164 9.73 14.60 37.65
CA GLU A 164 10.02 14.60 39.08
C GLU A 164 8.79 14.10 39.84
N ALA A 165 7.63 14.60 39.44
CA ALA A 165 6.40 14.16 40.10
C ALA A 165 6.27 12.65 39.89
N LEU A 166 6.29 12.21 38.64
CA LEU A 166 6.13 10.80 38.36
C LEU A 166 7.04 9.95 39.22
N PHE A 167 8.31 10.30 39.30
CA PHE A 167 9.21 9.50 40.10
C PHE A 167 8.88 9.59 41.57
N GLU A 168 8.41 10.76 41.98
CA GLU A 168 8.05 11.01 43.38
C GLU A 168 6.90 10.09 43.83
N PHE A 169 6.03 9.72 42.90
CA PHE A 169 4.90 8.84 43.21
C PHE A 169 5.38 7.42 43.57
N GLY A 170 6.49 6.99 42.99
CA GLY A 170 7.01 5.67 43.28
C GLY A 170 7.11 4.76 42.06
N ILE A 171 6.92 5.33 40.88
CA ILE A 171 7.01 4.54 39.65
C ILE A 171 8.41 3.92 39.57
N SER A 172 8.55 2.91 38.74
CA SER A 172 9.85 2.26 38.63
C SER A 172 10.63 2.63 37.38
N GLU A 173 9.91 3.05 36.34
CA GLU A 173 10.52 3.43 35.07
C GLU A 173 9.69 4.48 34.34
N LEU A 174 10.35 5.52 33.86
CA LEU A 174 9.64 6.55 33.15
C LEU A 174 10.00 6.45 31.67
N SER A 175 9.04 6.01 30.84
CA SER A 175 9.31 5.85 29.42
C SER A 175 8.95 7.11 28.66
N LEU A 176 9.97 7.80 28.18
CA LEU A 176 9.80 9.04 27.39
C LEU A 176 9.55 8.69 25.94
N GLY A 177 8.55 9.31 25.33
CA GLY A 177 8.29 8.98 23.95
C GLY A 177 8.25 10.11 22.95
N ASP A 178 8.50 9.74 21.69
CA ASP A 178 8.49 10.65 20.57
C ASP A 178 7.20 10.40 19.82
N THR A 179 6.12 10.99 20.29
CA THR A 179 4.84 10.79 19.67
C THR A 179 4.81 11.15 18.18
N ILE A 180 4.95 12.45 17.87
CA ILE A 180 4.89 12.87 16.47
C ILE A 180 5.99 12.21 15.66
N GLY A 181 7.09 11.87 16.34
CA GLY A 181 8.22 11.23 15.67
C GLY A 181 9.16 12.24 15.05
N ALA A 182 9.27 13.42 15.64
CA ALA A 182 10.14 14.46 15.10
C ALA A 182 11.29 14.79 16.05
N ALA A 183 12.06 13.77 16.42
CA ALA A 183 13.22 13.93 17.30
C ALA A 183 14.46 13.61 16.49
N ASN A 184 15.54 14.34 16.77
CA ASN A 184 16.81 14.11 16.09
C ASN A 184 17.88 13.84 17.13
N PRO A 185 18.97 13.16 16.74
CA PRO A 185 20.08 12.82 17.64
C PRO A 185 20.58 14.01 18.42
N ALA A 186 20.38 15.20 17.89
CA ALA A 186 20.84 16.38 18.59
C ALA A 186 19.88 16.70 19.72
N GLN A 187 18.58 16.59 19.44
CA GLN A 187 17.56 16.87 20.43
C GLN A 187 17.56 15.84 21.56
N VAL A 188 17.69 14.58 21.21
CA VAL A 188 17.69 13.54 22.23
C VAL A 188 18.92 13.67 23.12
N GLU A 189 19.94 14.34 22.63
CA GLU A 189 21.15 14.49 23.41
C GLU A 189 21.00 15.59 24.45
N THR A 190 20.47 16.74 24.03
CA THR A 190 20.28 17.85 24.95
C THR A 190 19.21 17.46 25.96
N VAL A 191 18.17 16.79 25.48
CA VAL A 191 17.09 16.39 26.35
C VAL A 191 17.59 15.40 27.40
N LEU A 192 18.17 14.30 26.95
CA LEU A 192 18.69 13.31 27.90
C LEU A 192 19.77 13.89 28.80
N GLU A 193 20.44 14.93 28.32
CA GLU A 193 21.47 15.59 29.08
C GLU A 193 20.87 16.24 30.31
N ALA A 194 19.75 16.93 30.11
CA ALA A 194 19.05 17.64 31.18
C ALA A 194 18.33 16.67 32.11
N LEU A 195 17.82 15.59 31.56
CA LEU A 195 17.11 14.59 32.36
C LEU A 195 18.09 13.72 33.14
N LEU A 196 19.00 13.06 32.44
CA LEU A 196 19.96 12.18 33.11
C LEU A 196 20.70 12.84 34.25
N ALA A 197 20.68 14.17 34.28
CA ALA A 197 21.35 14.90 35.32
C ALA A 197 20.43 15.12 36.54
N ARG A 198 19.43 14.27 36.69
CA ARG A 198 18.51 14.42 37.81
C ARG A 198 17.86 13.11 38.22
N PHE A 199 17.74 12.20 37.25
CA PHE A 199 17.12 10.91 37.51
C PHE A 199 18.09 9.87 37.06
N PRO A 200 18.06 8.68 37.70
CA PRO A 200 18.95 7.58 37.33
C PRO A 200 18.66 7.03 35.93
N ALA A 201 19.70 6.94 35.10
CA ALA A 201 19.54 6.45 33.74
C ALA A 201 18.88 5.07 33.66
N ASN A 202 19.09 4.25 34.68
CA ASN A 202 18.50 2.91 34.70
C ASN A 202 16.98 2.94 34.77
N GLN A 203 16.43 4.03 35.27
CA GLN A 203 14.99 4.12 35.39
C GLN A 203 14.35 4.95 34.28
N ILE A 204 15.05 5.07 33.15
CA ILE A 204 14.51 5.83 32.04
C ILE A 204 14.54 5.02 30.74
N ALA A 205 13.38 4.91 30.10
CA ALA A 205 13.26 4.17 28.85
C ALA A 205 12.89 5.12 27.72
N LEU A 206 13.13 4.67 26.49
CA LEU A 206 12.82 5.49 25.34
C LEU A 206 11.90 4.79 24.35
N HIS A 207 10.86 5.51 23.92
CA HIS A 207 9.91 4.99 22.96
C HIS A 207 9.98 5.91 21.74
N PHE A 208 10.78 5.54 20.75
CA PHE A 208 10.89 6.35 19.54
C PHE A 208 9.95 5.88 18.42
N HIS A 209 9.51 6.84 17.61
CA HIS A 209 8.64 6.56 16.46
C HIS A 209 9.43 6.93 15.21
N ASP A 210 9.76 5.99 14.33
CA ASP A 210 10.51 6.43 13.17
C ASP A 210 9.62 6.83 12.01
N THR A 211 8.66 7.70 12.31
CA THR A 211 7.77 8.22 11.29
C THR A 211 8.68 8.97 10.30
N ARG A 212 9.80 9.49 10.78
CA ARG A 212 10.75 10.19 9.93
C ARG A 212 11.99 9.33 9.70
N GLY A 213 11.90 8.07 10.10
CA GLY A 213 13.00 7.14 9.96
C GLY A 213 14.25 7.55 10.69
N THR A 214 14.11 8.16 11.87
CA THR A 214 15.28 8.58 12.62
C THR A 214 15.39 7.86 13.94
N ALA A 215 14.48 6.91 14.15
CA ALA A 215 14.46 6.13 15.38
C ALA A 215 15.78 5.52 15.79
N LEU A 216 16.28 4.60 14.98
CA LEU A 216 17.53 3.95 15.29
C LEU A 216 18.65 4.96 15.50
N ALA A 217 18.62 6.05 14.74
CA ALA A 217 19.62 7.11 14.85
C ALA A 217 19.54 7.72 16.22
N ASN A 218 18.34 8.05 16.65
CA ASN A 218 18.16 8.61 17.96
C ASN A 218 18.57 7.59 19.00
N MSE A 219 18.35 6.32 18.69
CA MSE A 219 18.71 5.29 19.65
C MSE A 219 20.20 5.24 19.92
O MSE A 219 20.62 5.04 21.05
CB MSE A 219 18.25 3.95 19.13
CG MSE A 219 18.06 2.98 20.20
SE MSE A 219 16.93 1.65 19.45
CE MSE A 219 15.31 2.70 19.19
N VAL A 220 20.99 5.43 18.87
CA VAL A 220 22.42 5.41 19.03
C VAL A 220 22.84 6.51 19.99
N THR A 221 22.34 7.72 19.76
CA THR A 221 22.66 8.85 20.64
C THR A 221 22.30 8.48 22.08
N ALA A 222 21.11 7.90 22.27
CA ALA A 222 20.69 7.50 23.60
C ALA A 222 21.64 6.43 24.15
N LEU A 223 21.96 5.43 23.35
CA LEU A 223 22.86 4.39 23.81
C LEU A 223 24.16 5.00 24.34
N GLN A 224 24.53 6.12 23.74
CA GLN A 224 25.75 6.82 24.13
C GLN A 224 25.56 7.61 25.42
N MSE A 225 24.35 8.05 25.69
CA MSE A 225 24.09 8.81 26.90
C MSE A 225 23.95 7.91 28.12
O MSE A 225 24.13 8.37 29.23
CB MSE A 225 22.80 9.63 26.75
CG MSE A 225 22.85 10.69 25.65
SE MSE A 225 24.25 12.02 25.96
CE MSE A 225 23.77 12.43 27.81
N GLY A 226 23.62 6.63 27.90
CA GLY A 226 23.47 5.70 29.00
C GLY A 226 22.16 4.93 29.10
N ILE A 227 21.12 5.40 28.42
CA ILE A 227 19.83 4.71 28.44
C ILE A 227 20.07 3.27 27.97
N THR A 228 19.40 2.31 28.60
CA THR A 228 19.58 0.92 28.21
C THR A 228 18.24 0.21 28.06
N VAL A 229 17.18 1.00 28.04
CA VAL A 229 15.84 0.47 27.89
C VAL A 229 15.16 1.08 26.68
N PHE A 230 14.76 0.24 25.74
CA PHE A 230 14.10 0.77 24.56
C PHE A 230 12.86 -0.01 24.20
N ASP A 231 11.82 0.73 23.85
CA ASP A 231 10.55 0.14 23.47
C ASP A 231 10.52 -0.10 21.99
N GLY A 232 9.90 -1.20 21.59
CA GLY A 232 9.81 -1.51 20.17
C GLY A 232 8.51 -2.20 19.80
N SER A 233 8.23 -2.29 18.51
CA SER A 233 7.02 -2.94 18.04
C SER A 233 7.37 -3.98 16.97
N ALA A 234 7.06 -5.25 17.21
CA ALA A 234 7.39 -6.27 16.22
C ALA A 234 6.87 -5.89 14.83
N GLY A 235 7.74 -5.93 13.83
CA GLY A 235 7.35 -5.59 12.47
C GLY A 235 7.14 -4.10 12.19
N GLY A 236 7.05 -3.31 13.24
CA GLY A 236 6.85 -1.89 13.05
C GLY A 236 5.35 -1.59 13.07
N LEU A 237 4.57 -2.54 13.57
CA LEU A 237 3.14 -2.37 13.66
C LEU A 237 2.79 -1.00 14.21
N GLY A 238 1.60 -0.53 13.84
CA GLY A 238 1.13 0.75 14.34
C GLY A 238 1.56 1.95 13.52
N GLY A 239 0.60 2.56 12.87
CA GLY A 239 0.87 3.73 12.06
C GLY A 239 0.75 4.96 12.93
N CYS A 240 1.20 6.09 12.42
CA CYS A 240 1.12 7.34 13.17
C CYS A 240 -0.19 8.04 12.80
N PRO A 241 -1.07 8.25 13.79
CA PRO A 241 -2.37 8.90 13.55
C PRO A 241 -2.22 10.35 13.08
N TYR A 242 -1.10 10.96 13.45
CA TYR A 242 -0.81 12.34 13.06
C TYR A 242 -0.41 12.39 11.58
N ALA A 243 0.08 11.27 11.06
CA ALA A 243 0.48 11.16 9.66
C ALA A 243 0.20 9.76 9.13
N PRO A 244 -1.02 9.54 8.59
CA PRO A 244 -1.43 8.23 8.04
C PRO A 244 -0.59 7.77 6.83
N GLY A 245 -0.33 6.47 6.77
CA GLY A 245 0.44 5.94 5.67
C GLY A 245 1.92 5.87 6.01
N SER A 246 2.31 6.35 7.19
CA SER A 246 3.70 6.34 7.61
C SER A 246 3.87 5.44 8.84
N SER A 247 5.05 4.81 8.95
CA SER A 247 5.36 3.91 10.06
C SER A 247 5.27 4.60 11.43
N GLY A 248 5.08 3.78 12.47
CA GLY A 248 4.96 4.31 13.82
C GLY A 248 6.24 4.11 14.62
N ASN A 249 6.20 3.17 15.55
CA ASN A 249 7.38 2.90 16.36
C ASN A 249 8.40 2.08 15.60
N ALA A 250 9.63 2.13 16.09
CA ALA A 250 10.72 1.40 15.46
C ALA A 250 10.46 -0.09 15.51
N ALA A 251 10.80 -0.77 14.43
CA ALA A 251 10.61 -2.21 14.33
C ALA A 251 11.51 -2.93 15.31
N THR A 252 10.92 -3.65 16.25
CA THR A 252 11.69 -4.38 17.25
C THR A 252 12.85 -5.15 16.66
N GLU A 253 12.63 -5.90 15.59
CA GLU A 253 13.70 -6.67 15.00
C GLU A 253 14.82 -5.77 14.50
N ASP A 254 14.48 -4.62 13.94
CA ASP A 254 15.51 -3.70 13.45
C ASP A 254 16.36 -3.23 14.62
N ILE A 255 15.71 -3.03 15.75
CA ILE A 255 16.38 -2.59 16.95
C ILE A 255 17.26 -3.69 17.47
N VAL A 256 16.71 -4.90 17.53
CA VAL A 256 17.46 -6.05 18.03
C VAL A 256 18.64 -6.34 17.12
N TYR A 257 18.44 -6.23 15.81
CA TYR A 257 19.50 -6.51 14.89
C TYR A 257 20.68 -5.57 15.06
N MSE A 258 20.43 -4.29 14.88
CA MSE A 258 21.50 -3.34 14.99
C MSE A 258 22.26 -3.47 16.29
O MSE A 258 23.50 -3.37 16.31
CB MSE A 258 20.96 -1.92 14.87
CG MSE A 258 22.07 -0.91 14.89
SE MSE A 258 21.35 0.83 15.07
CE MSE A 258 20.56 0.64 16.83
N LEU A 259 21.55 -3.69 17.38
CA LEU A 259 22.19 -3.82 18.67
C LEU A 259 23.11 -5.03 18.67
N GLU A 260 22.69 -6.12 18.02
CA GLU A 260 23.51 -7.31 17.97
C GLU A 260 24.80 -7.09 17.24
N GLN A 261 24.72 -6.47 16.08
CA GLN A 261 25.91 -6.20 15.30
C GLN A 261 26.87 -5.34 16.09
N MSE A 262 26.35 -4.53 17.00
CA MSE A 262 27.17 -3.66 17.80
C MSE A 262 27.73 -4.39 19.01
O MSE A 262 28.38 -3.78 19.87
CB MSE A 262 26.39 -2.44 18.28
CG MSE A 262 26.05 -1.43 17.19
SE MSE A 262 24.97 0.06 17.87
CE MSE A 262 26.37 0.95 18.87
N ASP A 263 27.49 -5.69 19.08
CA ASP A 263 27.95 -6.54 20.18
C ASP A 263 27.31 -6.19 21.53
N ILE A 264 26.02 -5.89 21.47
CA ILE A 264 25.26 -5.53 22.66
C ILE A 264 24.19 -6.61 22.83
N LYS A 265 24.17 -7.26 24.00
CA LYS A 265 23.21 -8.32 24.24
C LYS A 265 21.81 -7.86 24.53
N THR A 266 20.85 -8.52 23.87
CA THR A 266 19.43 -8.22 24.06
C THR A 266 18.72 -9.50 24.46
N ASN A 267 19.46 -10.60 24.44
CA ASN A 267 18.88 -11.89 24.80
C ASN A 267 17.67 -12.23 23.97
N VAL A 268 17.53 -11.57 22.83
CA VAL A 268 16.42 -11.85 21.94
C VAL A 268 16.89 -12.63 20.73
N LYS A 269 16.28 -13.78 20.49
CA LYS A 269 16.63 -14.59 19.34
C LYS A 269 15.94 -14.02 18.11
N LEU A 270 16.62 -13.07 17.46
CA LEU A 270 16.13 -12.38 16.28
C LEU A 270 15.38 -13.29 15.30
N GLU A 271 15.99 -14.41 14.96
CA GLU A 271 15.38 -15.37 14.04
C GLU A 271 13.91 -15.58 14.41
N LYS A 272 13.68 -15.97 15.66
CA LYS A 272 12.32 -16.20 16.12
C LYS A 272 11.46 -14.94 15.95
N LEU A 273 11.97 -13.80 16.39
CA LEU A 273 11.24 -12.54 16.31
C LEU A 273 10.78 -12.28 14.87
N LEU A 274 11.74 -12.38 13.94
CA LEU A 274 11.47 -12.16 12.54
C LEU A 274 10.33 -13.05 12.09
N SER A 275 10.38 -14.32 12.49
CA SER A 275 9.34 -15.26 12.13
C SER A 275 8.01 -14.73 12.66
N ALA A 276 8.02 -14.25 13.88
CA ALA A 276 6.81 -13.73 14.49
C ALA A 276 6.30 -12.50 13.75
N ALA A 277 7.22 -11.66 13.29
CA ALA A 277 6.83 -10.43 12.58
C ALA A 277 6.11 -10.80 11.30
N LYS A 278 6.67 -11.77 10.58
CA LYS A 278 6.06 -12.19 9.32
C LYS A 278 4.64 -12.70 9.55
N TRP A 279 4.45 -13.43 10.64
CA TRP A 279 3.14 -13.97 10.94
C TRP A 279 2.05 -12.93 10.89
N ILE A 280 2.09 -11.96 11.80
CA ILE A 280 1.09 -10.88 11.83
C ILE A 280 1.00 -10.14 10.51
N GLU A 281 2.14 -9.95 9.85
CA GLU A 281 2.13 -9.26 8.57
C GLU A 281 1.16 -9.97 7.65
N GLU A 282 1.15 -11.30 7.71
CA GLU A 282 0.26 -12.09 6.88
C GLU A 282 -1.17 -11.95 7.37
N LYS A 283 -1.35 -11.88 8.69
CA LYS A 283 -2.69 -11.74 9.22
C LYS A 283 -3.16 -10.32 8.94
N MSE A 284 -2.20 -9.43 8.69
CA MSE A 284 -2.52 -8.05 8.43
C MSE A 284 -2.83 -7.83 6.95
O MSE A 284 -3.48 -6.85 6.57
CB MSE A 284 -1.34 -7.16 8.83
CG MSE A 284 -1.73 -5.74 9.23
SE MSE A 284 -2.22 -5.65 11.09
CE MSE A 284 -4.08 -6.17 10.94
N GLY A 285 -2.38 -8.76 6.12
CA GLY A 285 -2.61 -8.66 4.69
C GLY A 285 -1.97 -7.40 4.13
N LYS A 286 -1.16 -6.75 4.94
CA LYS A 286 -0.50 -5.53 4.54
C LYS A 286 0.97 -5.67 4.92
N PRO A 287 1.87 -5.10 4.12
CA PRO A 287 3.30 -5.20 4.44
C PRO A 287 3.69 -4.27 5.59
N LEU A 288 4.55 -4.74 6.49
CA LEU A 288 5.00 -3.93 7.60
C LEU A 288 6.28 -3.22 7.21
N PRO A 289 6.50 -2.02 7.77
CA PRO A 289 7.67 -1.20 7.49
C PRO A 289 9.05 -1.78 7.85
N SER A 290 9.05 -2.82 8.69
CA SER A 290 10.30 -3.44 9.14
C SER A 290 11.26 -3.76 8.00
N ARG A 291 12.50 -3.30 8.12
CA ARG A 291 13.51 -3.55 7.11
C ARG A 291 14.01 -4.98 7.18
N ASN A 292 14.34 -5.47 8.38
CA ASN A 292 14.83 -6.84 8.46
C ASN A 292 13.77 -7.87 8.13
N LEU A 293 12.51 -7.52 8.33
CA LEU A 293 11.46 -8.45 7.99
C LEU A 293 11.53 -8.68 6.48
N GLN A 294 11.74 -7.62 5.71
CA GLN A 294 11.82 -7.76 4.26
C GLN A 294 13.00 -8.67 3.89
N VAL A 295 14.15 -8.42 4.51
CA VAL A 295 15.33 -9.21 4.27
C VAL A 295 15.06 -10.67 4.65
N PHE A 296 14.34 -10.86 5.74
CA PHE A 296 14.02 -12.20 6.20
C PHE A 296 13.22 -12.94 5.14
N LYS A 297 12.21 -12.26 4.57
CA LYS A 297 11.39 -12.85 3.55
C LYS A 297 12.25 -13.12 2.30
N SER A 298 13.57 -12.94 2.46
CA SER A 298 14.55 -13.14 1.40
C SER A 298 14.07 -12.52 0.11
N MSE B 1 33.88 17.08 18.40
CA MSE B 1 32.71 16.69 19.23
C MSE B 1 31.39 17.20 18.67
O MSE B 1 30.50 16.40 18.32
CB MSE B 1 32.86 17.21 20.65
CG MSE B 1 31.64 16.94 21.52
SE MSE B 1 31.42 15.04 21.89
CE MSE B 1 30.26 14.50 20.42
N PRO B 2 31.23 18.54 18.56
CA PRO B 2 30.00 19.12 18.04
C PRO B 2 29.77 18.82 16.54
N TYR B 3 28.54 18.45 16.19
CA TYR B 3 28.22 18.13 14.81
C TYR B 3 28.60 19.28 13.89
N PRO B 4 29.10 18.96 12.68
CA PRO B 4 29.50 19.96 11.70
C PRO B 4 28.38 20.92 11.33
N LYS B 5 28.75 22.10 10.83
CA LYS B 5 27.77 23.11 10.46
C LYS B 5 27.16 22.87 9.09
N LYS B 6 27.96 22.33 8.18
CA LYS B 6 27.47 22.08 6.84
C LYS B 6 27.98 20.73 6.33
N VAL B 7 27.11 20.02 5.61
CA VAL B 7 27.44 18.71 5.07
C VAL B 7 26.92 18.56 3.67
N THR B 8 27.81 18.23 2.76
CA THR B 8 27.42 18.05 1.37
C THR B 8 26.94 16.64 1.07
N ILE B 9 25.73 16.53 0.54
CA ILE B 9 25.15 15.23 0.19
C ILE B 9 25.10 15.08 -1.34
N LYS B 10 25.50 13.90 -1.82
CA LYS B 10 25.50 13.65 -3.25
C LYS B 10 24.40 12.69 -3.71
N GLU B 11 23.62 13.14 -4.69
CA GLU B 11 22.53 12.35 -5.22
C GLU B 11 23.04 11.32 -6.25
N VAL B 12 22.66 10.06 -6.12
CA VAL B 12 23.10 9.03 -7.07
C VAL B 12 21.92 8.19 -7.51
N GLY B 13 20.71 8.75 -7.36
CA GLY B 13 19.51 8.04 -7.72
C GLY B 13 19.38 7.75 -9.20
N PRO B 14 19.56 8.77 -10.04
CA PRO B 14 19.45 8.55 -11.48
C PRO B 14 20.43 7.50 -11.99
N ARG B 15 21.40 7.13 -11.16
CA ARG B 15 22.34 6.12 -11.61
C ARG B 15 22.23 4.83 -10.79
N ASP B 16 22.80 4.82 -9.59
CA ASP B 16 22.76 3.65 -8.73
C ASP B 16 21.31 3.24 -8.44
N GLY B 17 20.41 4.22 -8.48
CA GLY B 17 19.03 3.90 -8.22
C GLY B 17 18.32 3.29 -9.41
N LEU B 18 18.41 3.93 -10.56
CA LEU B 18 17.74 3.42 -11.73
C LEU B 18 18.28 2.11 -12.25
N GLN B 19 19.59 1.90 -12.15
CA GLN B 19 20.16 0.66 -12.65
C GLN B 19 19.87 -0.50 -11.72
N ASN B 20 19.27 -0.21 -10.58
CA ASN B 20 18.95 -1.27 -9.62
C ASN B 20 17.44 -1.51 -9.56
N GLU B 21 16.69 -0.91 -10.48
CA GLU B 21 15.26 -1.09 -10.52
C GLU B 21 14.90 -1.91 -11.74
N PRO B 22 14.10 -2.97 -11.53
CA PRO B 22 13.66 -3.86 -12.62
C PRO B 22 12.57 -3.23 -13.48
N VAL B 23 12.75 -1.95 -13.78
CA VAL B 23 11.79 -1.24 -14.60
C VAL B 23 12.51 -0.23 -15.47
N TRP B 24 12.12 -0.13 -16.72
CA TRP B 24 12.78 0.84 -17.60
C TRP B 24 12.06 2.19 -17.64
N ILE B 25 12.79 3.24 -17.28
CA ILE B 25 12.24 4.58 -17.30
C ILE B 25 12.54 5.18 -18.66
N ALA B 26 11.50 5.65 -19.33
CA ALA B 26 11.68 6.25 -20.63
C ALA B 26 12.83 7.24 -20.57
N THR B 27 13.67 7.18 -21.59
CA THR B 27 14.82 8.05 -21.69
C THR B 27 14.43 9.52 -21.41
N GLU B 28 13.31 9.95 -21.96
CA GLU B 28 12.87 11.31 -21.73
C GLU B 28 12.58 11.59 -20.26
N ASP B 29 11.71 10.76 -19.68
CA ASP B 29 11.35 10.89 -18.27
C ASP B 29 12.57 11.04 -17.39
N LYS B 30 13.64 10.29 -17.68
CA LYS B 30 14.86 10.39 -16.90
C LYS B 30 15.27 11.85 -16.87
N ILE B 31 15.36 12.45 -18.04
CA ILE B 31 15.73 13.85 -18.17
C ILE B 31 14.79 14.72 -17.35
N THR B 32 13.50 14.53 -17.56
CA THR B 32 12.52 15.33 -16.85
C THR B 32 12.72 15.28 -15.34
N TRP B 33 13.06 14.10 -14.83
CA TRP B 33 13.27 13.90 -13.40
C TRP B 33 14.57 14.51 -12.91
N ILE B 34 15.62 14.38 -13.71
CA ILE B 34 16.93 14.89 -13.38
C ILE B 34 16.90 16.41 -13.41
N ASN B 35 16.00 16.95 -14.21
CA ASN B 35 15.85 18.41 -14.29
C ASN B 35 15.34 18.91 -12.96
N GLN B 36 14.31 18.27 -12.45
CA GLN B 36 13.76 18.61 -11.16
C GLN B 36 14.92 18.60 -10.17
N LEU B 37 15.61 17.47 -10.10
CA LEU B 37 16.72 17.36 -9.17
C LEU B 37 17.70 18.50 -9.27
N SER B 38 18.13 18.83 -10.48
CA SER B 38 19.08 19.92 -10.72
C SER B 38 18.67 21.20 -9.98
N ARG B 39 17.41 21.57 -10.07
CA ARG B 39 16.94 22.76 -9.40
C ARG B 39 16.26 22.40 -8.07
N THR B 40 16.94 21.58 -7.29
CA THR B 40 16.40 21.17 -6.03
C THR B 40 17.25 21.74 -4.90
N GLY B 41 18.50 22.01 -5.21
CA GLY B 41 19.39 22.56 -4.20
C GLY B 41 20.62 21.70 -4.16
N LEU B 42 20.47 20.44 -4.57
CA LEU B 42 21.60 19.52 -4.60
C LEU B 42 22.69 20.17 -5.46
N SER B 43 23.94 19.87 -5.15
CA SER B 43 25.07 20.42 -5.89
C SER B 43 25.89 19.34 -6.59
N TYR B 44 25.36 18.11 -6.61
CA TYR B 44 26.08 17.01 -7.22
C TYR B 44 25.08 15.93 -7.60
N ILE B 45 25.16 15.43 -8.83
CA ILE B 45 24.22 14.41 -9.29
C ILE B 45 24.85 13.47 -10.29
N GLU B 46 24.87 12.17 -10.01
CA GLU B 46 25.40 11.23 -10.99
C GLU B 46 24.28 10.97 -11.98
N ILE B 47 24.26 11.72 -13.08
CA ILE B 47 23.20 11.57 -14.05
C ILE B 47 23.07 10.16 -14.63
N THR B 48 24.20 9.47 -14.81
CA THR B 48 24.17 8.13 -15.40
C THR B 48 25.48 7.39 -15.32
N SER B 49 25.51 6.19 -15.92
CA SER B 49 26.69 5.33 -15.93
C SER B 49 27.10 5.01 -17.36
N PHE B 50 28.40 5.06 -17.64
CA PHE B 50 28.87 4.78 -18.97
C PHE B 50 29.43 3.39 -19.12
N VAL B 51 28.88 2.46 -18.34
CA VAL B 51 29.29 1.06 -18.42
C VAL B 51 28.60 0.54 -19.68
N HIS B 52 29.19 -0.43 -20.37
CA HIS B 52 28.59 -0.95 -21.59
C HIS B 52 27.10 -1.31 -21.38
N PRO B 53 26.21 -0.74 -22.20
CA PRO B 53 24.77 -0.98 -22.12
C PRO B 53 24.34 -2.44 -21.94
N LYS B 54 25.19 -3.37 -22.34
CA LYS B 54 24.90 -4.80 -22.22
C LYS B 54 24.71 -5.22 -20.76
N TRP B 55 25.46 -4.61 -19.86
CA TRP B 55 25.36 -4.98 -18.46
C TRP B 55 24.36 -4.11 -17.72
N ILE B 56 24.13 -2.89 -18.21
CA ILE B 56 23.20 -1.99 -17.55
C ILE B 56 22.14 -1.49 -18.51
N PRO B 57 21.33 -2.42 -19.03
CA PRO B 57 20.27 -2.10 -19.97
C PRO B 57 19.32 -1.01 -19.50
N ALA B 58 19.19 -0.84 -18.19
CA ALA B 58 18.29 0.17 -17.65
C ALA B 58 18.84 1.57 -17.89
N LEU B 59 20.13 1.65 -18.20
CA LEU B 59 20.76 2.93 -18.43
C LEU B 59 21.50 2.93 -19.77
N ARG B 60 20.89 2.33 -20.78
CA ARG B 60 21.51 2.28 -22.10
C ARG B 60 21.49 3.64 -22.77
N ASP B 61 20.70 4.56 -22.23
CA ASP B 61 20.57 5.89 -22.79
C ASP B 61 21.48 6.90 -22.11
N ALA B 62 22.60 6.41 -21.58
CA ALA B 62 23.55 7.28 -20.89
C ALA B 62 23.95 8.50 -21.71
N ILE B 63 24.52 8.27 -22.88
CA ILE B 63 24.96 9.36 -23.74
C ILE B 63 23.82 10.32 -24.10
N ASP B 64 22.63 9.78 -24.28
CA ASP B 64 21.47 10.59 -24.62
C ASP B 64 21.03 11.48 -23.45
N VAL B 65 20.96 10.89 -22.26
CA VAL B 65 20.54 11.64 -21.09
C VAL B 65 21.60 12.67 -20.70
N ALA B 66 22.86 12.31 -20.88
CA ALA B 66 23.95 13.21 -20.54
C ALA B 66 23.90 14.52 -21.34
N LYS B 67 23.22 14.50 -22.48
CA LYS B 67 23.09 15.69 -23.33
C LYS B 67 21.68 16.30 -23.26
N GLY B 68 20.77 15.60 -22.58
CA GLY B 68 19.40 16.07 -22.48
C GLY B 68 19.12 16.92 -21.26
N ILE B 69 19.77 16.62 -20.14
CA ILE B 69 19.56 17.37 -18.91
C ILE B 69 19.71 18.88 -19.08
N ASP B 70 19.12 19.64 -18.18
CA ASP B 70 19.19 21.09 -18.24
C ASP B 70 20.58 21.59 -17.86
N ARG B 71 21.19 20.94 -16.88
CA ARG B 71 22.52 21.34 -16.45
C ARG B 71 22.52 22.76 -15.86
N GLU B 72 22.33 22.83 -14.55
CA GLU B 72 22.29 24.07 -13.80
C GLU B 72 23.67 24.45 -13.29
N LYS B 73 23.82 25.72 -12.95
CA LYS B 73 25.09 26.24 -12.46
C LYS B 73 25.28 25.92 -10.99
N GLY B 74 26.53 25.65 -10.63
CA GLY B 74 26.85 25.29 -9.26
C GLY B 74 26.57 23.82 -9.00
N VAL B 75 26.11 23.13 -10.04
CA VAL B 75 25.80 21.71 -9.93
C VAL B 75 26.87 20.89 -10.61
N THR B 76 27.37 19.88 -9.92
CA THR B 76 28.38 19.01 -10.48
C THR B 76 27.70 17.75 -11.02
N TYR B 77 27.69 17.59 -12.34
CA TYR B 77 27.09 16.41 -12.94
C TYR B 77 28.17 15.36 -13.17
N ALA B 78 28.00 14.21 -12.54
CA ALA B 78 28.98 13.15 -12.65
C ALA B 78 28.37 11.91 -13.26
N ALA B 79 29.24 11.00 -13.68
CA ALA B 79 28.81 9.74 -14.27
C ALA B 79 29.81 8.66 -13.93
N LEU B 80 29.34 7.44 -13.85
CA LEU B 80 30.22 6.35 -13.53
C LEU B 80 31.03 6.04 -14.78
N VAL B 81 32.34 5.88 -14.64
CA VAL B 81 33.17 5.56 -15.80
C VAL B 81 33.95 4.28 -15.53
N PRO B 82 33.69 3.23 -16.31
CA PRO B 82 34.34 1.94 -16.18
C PRO B 82 35.76 1.87 -16.64
N ASN B 83 36.08 2.62 -17.69
CA ASN B 83 37.43 2.62 -18.25
C ASN B 83 37.62 3.67 -19.34
N GLN B 84 38.82 3.77 -19.88
CA GLN B 84 39.13 4.76 -20.90
C GLN B 84 38.06 4.92 -21.98
N ARG B 85 37.62 3.79 -22.54
CA ARG B 85 36.60 3.77 -23.59
C ARG B 85 35.34 4.47 -23.07
N GLY B 86 35.07 4.26 -21.79
CA GLY B 86 33.91 4.89 -21.19
C GLY B 86 34.16 6.37 -20.95
N LEU B 87 35.37 6.69 -20.49
CA LEU B 87 35.72 8.06 -20.23
C LEU B 87 35.55 8.88 -21.49
N GLU B 88 35.79 8.23 -22.62
CA GLU B 88 35.66 8.88 -23.91
C GLU B 88 34.22 9.35 -24.07
N ASN B 89 33.27 8.41 -23.95
CA ASN B 89 31.87 8.74 -24.11
C ASN B 89 31.44 9.79 -23.09
N ALA B 90 31.91 9.64 -21.86
CA ALA B 90 31.56 10.58 -20.80
C ALA B 90 32.01 11.98 -21.17
N LEU B 91 33.15 12.06 -21.81
CA LEU B 91 33.71 13.35 -22.24
C LEU B 91 32.78 14.01 -23.25
N GLU B 92 32.20 13.21 -24.13
CA GLU B 92 31.29 13.74 -25.12
C GLU B 92 29.96 14.12 -24.48
N GLY B 93 29.61 13.44 -23.40
CA GLY B 93 28.36 13.74 -22.71
C GLY B 93 28.43 15.04 -21.95
N GLY B 94 29.65 15.47 -21.64
CA GLY B 94 29.83 16.72 -20.91
C GLY B 94 29.95 16.56 -19.41
N ILE B 95 30.06 15.32 -18.94
CA ILE B 95 30.19 15.07 -17.52
C ILE B 95 31.31 15.88 -16.91
N ASN B 96 31.03 16.50 -15.77
CA ASN B 96 32.02 17.30 -15.07
C ASN B 96 32.97 16.40 -14.29
N GLU B 97 32.41 15.42 -13.60
CA GLU B 97 33.22 14.51 -12.80
C GLU B 97 33.00 13.05 -13.12
N ALA B 98 34.11 12.33 -13.19
CA ALA B 98 34.07 10.92 -13.49
C ALA B 98 34.28 10.13 -12.21
N CYS B 99 33.50 9.08 -12.00
CA CYS B 99 33.67 8.29 -10.80
C CYS B 99 34.11 6.89 -11.12
N VAL B 100 35.36 6.55 -10.83
CA VAL B 100 35.79 5.19 -11.09
C VAL B 100 35.29 4.33 -9.96
N PHE B 101 35.46 3.01 -10.08
CA PHE B 101 34.98 2.12 -9.02
C PHE B 101 35.65 0.77 -9.03
N MSE B 102 35.62 0.12 -7.87
CA MSE B 102 36.19 -1.21 -7.70
C MSE B 102 35.78 -1.72 -6.32
O MSE B 102 35.28 -0.96 -5.49
CB MSE B 102 37.71 -1.17 -7.80
CG MSE B 102 38.39 -0.50 -6.63
SE MSE B 102 40.31 -0.59 -6.71
CE MSE B 102 40.51 -2.48 -6.20
N SER B 103 35.99 -2.99 -6.08
CA SER B 103 35.64 -3.58 -4.81
C SER B 103 36.86 -3.86 -3.94
N ALA B 104 36.67 -3.74 -2.63
CA ALA B 104 37.76 -3.97 -1.68
C ALA B 104 37.97 -5.47 -1.56
N SER B 105 36.87 -6.20 -1.71
CA SER B 105 36.89 -7.65 -1.64
C SER B 105 37.31 -8.20 -3.01
N GLU B 106 38.26 -9.12 -3.00
CA GLU B 106 38.73 -9.74 -4.24
C GLU B 106 37.59 -10.49 -4.91
N THR B 107 36.90 -11.33 -4.13
CA THR B 107 35.81 -12.13 -4.67
C THR B 107 34.73 -11.27 -5.28
N HIS B 108 34.32 -10.24 -4.56
CA HIS B 108 33.29 -9.35 -5.08
C HIS B 108 33.74 -8.65 -6.35
N ASN B 109 34.98 -8.15 -6.34
CA ASN B 109 35.53 -7.45 -7.49
C ASN B 109 35.55 -8.37 -8.70
N ARG B 110 36.24 -9.50 -8.56
CA ARG B 110 36.35 -10.46 -9.64
C ARG B 110 34.98 -10.94 -10.12
N LYS B 111 34.00 -10.94 -9.22
CA LYS B 111 32.66 -11.38 -9.59
C LYS B 111 31.73 -10.18 -9.69
N ASN B 112 32.10 -9.23 -10.54
CA ASN B 112 31.29 -8.03 -10.70
C ASN B 112 31.78 -7.29 -11.94
N ILE B 113 33.10 -7.13 -12.02
CA ILE B 113 33.70 -6.46 -13.16
C ILE B 113 34.80 -7.38 -13.69
N ASN B 114 34.84 -8.59 -13.15
CA ASN B 114 35.80 -9.62 -13.51
C ASN B 114 37.22 -9.11 -13.73
N LYS B 115 37.90 -8.83 -12.62
CA LYS B 115 39.28 -8.35 -12.62
C LYS B 115 39.77 -8.33 -11.18
N SER B 116 41.02 -8.76 -10.97
CA SER B 116 41.58 -8.78 -9.62
C SER B 116 41.71 -7.35 -9.12
N THR B 117 41.78 -7.18 -7.80
CA THR B 117 41.92 -5.86 -7.21
C THR B 117 43.08 -5.12 -7.85
N SER B 118 44.18 -5.84 -8.12
CA SER B 118 45.36 -5.23 -8.74
C SER B 118 45.05 -4.74 -10.14
N GLU B 119 44.46 -5.63 -10.94
CA GLU B 119 44.09 -5.30 -12.31
C GLU B 119 43.21 -4.06 -12.33
N SER B 120 42.18 -4.06 -11.51
CA SER B 120 41.28 -2.90 -11.46
C SER B 120 42.07 -1.70 -11.02
N LEU B 121 42.88 -1.87 -10.00
CA LEU B 121 43.66 -0.77 -9.50
C LEU B 121 44.42 -0.14 -10.67
N HIS B 122 45.02 -1.00 -11.47
CA HIS B 122 45.77 -0.55 -12.63
C HIS B 122 44.89 0.22 -13.63
N ILE B 123 43.65 -0.24 -13.80
CA ILE B 123 42.73 0.40 -14.72
C ILE B 123 42.44 1.80 -14.22
N LEU B 124 41.86 1.88 -13.04
CA LEU B 124 41.52 3.16 -12.44
C LEU B 124 42.70 4.10 -12.49
N LYS B 125 43.87 3.57 -12.18
CA LYS B 125 45.08 4.36 -12.19
C LYS B 125 45.14 5.19 -13.44
N GLN B 126 45.14 4.53 -14.59
CA GLN B 126 45.24 5.27 -15.83
C GLN B 126 43.91 5.92 -16.19
N VAL B 127 42.80 5.30 -15.82
CA VAL B 127 41.52 5.92 -16.14
C VAL B 127 41.41 7.26 -15.43
N ASN B 128 42.01 7.37 -14.25
CA ASN B 128 42.01 8.62 -13.51
C ASN B 128 42.92 9.65 -14.15
N ASN B 129 44.11 9.20 -14.54
CA ASN B 129 45.13 10.04 -15.17
C ASN B 129 44.56 10.73 -16.42
N ASP B 130 43.93 9.96 -17.31
CA ASP B 130 43.35 10.54 -18.52
C ASP B 130 42.19 11.47 -18.22
N ALA B 131 41.43 11.14 -17.18
CA ALA B 131 40.30 11.96 -16.81
C ALA B 131 40.75 13.36 -16.40
N GLN B 132 41.66 13.40 -15.44
CA GLN B 132 42.16 14.69 -14.95
C GLN B 132 42.83 15.46 -16.07
N LYS B 133 43.60 14.75 -16.88
CA LYS B 133 44.29 15.38 -17.99
C LYS B 133 43.30 16.06 -18.92
N ALA B 134 42.03 15.69 -18.81
CA ALA B 134 41.00 16.29 -19.64
C ALA B 134 40.28 17.37 -18.86
N ASN B 135 40.87 17.78 -17.74
CA ASN B 135 40.29 18.82 -16.88
C ASN B 135 38.98 18.34 -16.29
N LEU B 136 38.99 17.11 -15.78
CA LEU B 136 37.80 16.51 -15.20
C LEU B 136 38.11 16.07 -13.77
N THR B 137 37.24 16.39 -12.84
CA THR B 137 37.46 15.99 -11.46
C THR B 137 37.12 14.52 -11.30
N THR B 138 37.92 13.79 -10.55
CA THR B 138 37.69 12.37 -10.36
C THR B 138 37.29 12.01 -8.94
N ARG B 139 36.58 10.90 -8.82
CA ARG B 139 36.10 10.40 -7.55
C ARG B 139 36.11 8.88 -7.62
N ALA B 140 36.52 8.22 -6.55
CA ALA B 140 36.57 6.76 -6.50
C ALA B 140 35.45 6.17 -5.64
N TYR B 141 34.94 5.03 -6.07
CA TYR B 141 33.87 4.33 -5.37
C TYR B 141 34.37 2.99 -4.89
N LEU B 142 34.88 2.95 -3.67
CA LEU B 142 35.37 1.68 -3.14
C LEU B 142 34.19 0.97 -2.50
N SER B 143 33.83 -0.19 -3.01
CA SER B 143 32.70 -0.91 -2.45
C SER B 143 33.11 -2.05 -1.55
N THR B 144 32.09 -2.63 -0.89
CA THR B 144 32.25 -3.74 0.02
C THR B 144 33.31 -3.49 1.10
N VAL B 145 33.36 -2.25 1.61
CA VAL B 145 34.33 -1.90 2.63
C VAL B 145 33.86 -2.30 4.03
N PHE B 146 32.56 -2.52 4.18
CA PHE B 146 31.99 -2.91 5.47
C PHE B 146 31.48 -4.35 5.44
N GLY B 147 32.17 -5.20 4.69
CA GLY B 147 31.72 -6.57 4.61
C GLY B 147 31.35 -6.95 3.19
N CYS B 148 31.61 -8.21 2.82
CA CYS B 148 31.34 -8.72 1.49
C CYS B 148 30.25 -9.77 1.49
N PRO B 149 29.46 -9.82 0.42
CA PRO B 149 28.38 -10.82 0.35
C PRO B 149 28.93 -12.22 0.13
N TYR B 150 30.18 -12.28 -0.31
CA TYR B 150 30.84 -13.54 -0.57
C TYR B 150 31.90 -13.85 0.49
N GLU B 151 32.85 -12.93 0.67
CA GLU B 151 33.91 -13.12 1.67
C GLU B 151 33.43 -12.78 3.07
N LYS B 152 32.22 -12.26 3.17
CA LYS B 152 31.62 -11.88 4.45
C LYS B 152 32.46 -10.82 5.16
N ASP B 153 33.50 -11.26 5.87
CA ASP B 153 34.33 -10.30 6.58
C ASP B 153 35.40 -9.70 5.67
N VAL B 154 35.73 -8.43 5.89
CA VAL B 154 36.73 -7.75 5.09
C VAL B 154 37.69 -7.02 6.03
N PRO B 155 38.97 -7.41 6.03
CA PRO B 155 39.99 -6.80 6.88
C PRO B 155 40.18 -5.30 6.63
N ILE B 156 40.47 -4.55 7.68
CA ILE B 156 40.65 -3.13 7.56
C ILE B 156 41.90 -2.77 6.76
N GLU B 157 42.93 -3.60 6.87
CA GLU B 157 44.20 -3.38 6.17
C GLU B 157 44.01 -3.31 4.66
N GLN B 158 43.01 -4.04 4.18
CA GLN B 158 42.71 -4.08 2.76
C GLN B 158 42.23 -2.70 2.33
N VAL B 159 41.24 -2.19 3.04
CA VAL B 159 40.69 -0.88 2.74
C VAL B 159 41.78 0.17 2.73
N ILE B 160 42.57 0.19 3.81
CA ILE B 160 43.67 1.12 3.94
C ILE B 160 44.59 1.01 2.74
N ARG B 161 45.03 -0.22 2.49
CA ARG B 161 45.93 -0.52 1.38
C ARG B 161 45.40 0.15 0.10
N LEU B 162 44.25 -0.33 -0.35
CA LEU B 162 43.61 0.20 -1.55
C LEU B 162 43.44 1.70 -1.46
N SER B 163 42.85 2.17 -0.38
CA SER B 163 42.62 3.58 -0.17
C SER B 163 43.90 4.39 -0.38
N GLU B 164 45.03 3.86 0.08
CA GLU B 164 46.30 4.57 -0.10
C GLU B 164 46.63 4.65 -1.58
N ALA B 165 46.44 3.54 -2.29
CA ALA B 165 46.70 3.53 -3.71
C ALA B 165 45.77 4.55 -4.40
N LEU B 166 44.46 4.39 -4.19
CA LEU B 166 43.52 5.30 -4.81
C LEU B 166 43.92 6.75 -4.62
N PHE B 167 44.21 7.15 -3.39
CA PHE B 167 44.59 8.54 -3.17
C PHE B 167 45.92 8.89 -3.84
N GLU B 168 46.81 7.91 -3.93
CA GLU B 168 48.11 8.09 -4.55
C GLU B 168 47.97 8.41 -6.04
N PHE B 169 46.91 7.90 -6.66
CA PHE B 169 46.67 8.13 -8.07
C PHE B 169 46.33 9.61 -8.33
N GLY B 170 45.69 10.25 -7.36
CA GLY B 170 45.33 11.65 -7.54
C GLY B 170 43.85 11.92 -7.46
N ILE B 171 43.08 10.91 -7.06
CA ILE B 171 41.63 11.08 -6.95
C ILE B 171 41.34 12.21 -5.96
N SER B 172 40.13 12.75 -6.00
CA SER B 172 39.81 13.85 -5.13
C SER B 172 38.97 13.43 -3.93
N GLU B 173 38.23 12.34 -4.07
CA GLU B 173 37.36 11.87 -2.99
C GLU B 173 37.17 10.37 -3.07
N LEU B 174 37.31 9.69 -1.95
CA LEU B 174 37.15 8.26 -1.94
C LEU B 174 35.85 7.95 -1.22
N SER B 175 34.85 7.47 -1.96
CA SER B 175 33.55 7.15 -1.36
C SER B 175 33.46 5.68 -0.95
N LEU B 176 33.49 5.46 0.36
CA LEU B 176 33.41 4.11 0.94
C LEU B 176 31.96 3.70 1.03
N GLY B 177 31.66 2.49 0.61
CA GLY B 177 30.28 2.07 0.65
C GLY B 177 29.96 0.79 1.38
N ASP B 178 28.71 0.69 1.80
CA ASP B 178 28.19 -0.46 2.50
C ASP B 178 27.31 -1.22 1.49
N THR B 179 27.94 -2.02 0.66
CA THR B 179 27.22 -2.77 -0.34
C THR B 179 26.12 -3.65 0.24
N ILE B 180 26.49 -4.71 0.95
CA ILE B 180 25.48 -5.61 1.51
C ILE B 180 24.52 -4.87 2.46
N GLY B 181 25.00 -3.79 3.07
CA GLY B 181 24.17 -3.02 3.98
C GLY B 181 24.19 -3.56 5.39
N ALA B 182 25.31 -4.17 5.78
CA ALA B 182 25.43 -4.75 7.12
C ALA B 182 26.48 -4.05 7.97
N ALA B 183 26.36 -2.73 8.10
CA ALA B 183 27.29 -1.96 8.90
C ALA B 183 26.52 -1.42 10.09
N ASN B 184 27.20 -1.30 11.22
CA ASN B 184 26.56 -0.76 12.41
C ASN B 184 27.40 0.41 12.91
N PRO B 185 26.80 1.32 13.69
CA PRO B 185 27.49 2.49 14.24
C PRO B 185 28.81 2.13 14.90
N ALA B 186 28.90 0.91 15.41
CA ALA B 186 30.14 0.51 16.07
C ALA B 186 31.22 0.22 15.04
N GLN B 187 30.85 -0.46 13.97
CA GLN B 187 31.78 -0.79 12.91
C GLN B 187 32.24 0.45 12.16
N VAL B 188 31.31 1.35 11.86
CA VAL B 188 31.68 2.57 11.14
C VAL B 188 32.59 3.43 11.97
N GLU B 189 32.57 3.23 13.27
CA GLU B 189 33.40 4.04 14.13
C GLU B 189 34.83 3.51 14.15
N THR B 190 34.99 2.20 14.27
CA THR B 190 36.33 1.63 14.29
C THR B 190 36.94 1.77 12.92
N VAL B 191 36.13 1.59 11.88
CA VAL B 191 36.63 1.71 10.52
C VAL B 191 37.07 3.13 10.24
N LEU B 192 36.19 4.10 10.44
CA LEU B 192 36.55 5.49 10.18
C LEU B 192 37.67 5.94 11.09
N GLU B 193 37.83 5.27 12.22
CA GLU B 193 38.88 5.60 13.17
C GLU B 193 40.24 5.28 12.55
N ALA B 194 40.35 4.11 11.95
CA ALA B 194 41.58 3.64 11.30
C ALA B 194 41.86 4.39 9.99
N LEU B 195 40.81 4.75 9.26
CA LEU B 195 40.96 5.47 8.02
C LEU B 195 41.25 6.95 8.26
N LEU B 196 40.40 7.63 9.02
CA LEU B 196 40.60 9.05 9.28
C LEU B 196 41.98 9.38 9.85
N ALA B 197 42.65 8.36 10.38
CA ALA B 197 43.98 8.57 10.94
C ALA B 197 45.06 8.41 9.88
N ARG B 198 44.72 8.61 8.60
CA ARG B 198 45.70 8.48 7.54
C ARG B 198 45.36 9.33 6.33
N PHE B 199 44.09 9.61 6.14
CA PHE B 199 43.62 10.39 5.01
C PHE B 199 42.77 11.50 5.55
N PRO B 200 42.71 12.62 4.85
CA PRO B 200 41.91 13.78 5.28
C PRO B 200 40.42 13.50 5.23
N ALA B 201 39.73 13.74 6.33
CA ALA B 201 38.28 13.49 6.40
C ALA B 201 37.51 14.20 5.28
N ASN B 202 38.00 15.35 4.85
CA ASN B 202 37.34 16.10 3.79
C ASN B 202 37.30 15.36 2.46
N GLN B 203 38.23 14.44 2.28
CA GLN B 203 38.28 13.70 1.04
C GLN B 203 37.66 12.31 1.16
N ILE B 204 36.81 12.11 2.15
CA ILE B 204 36.17 10.80 2.32
C ILE B 204 34.65 10.91 2.41
N ALA B 205 33.96 10.16 1.57
CA ALA B 205 32.50 10.18 1.54
C ALA B 205 31.97 8.82 1.93
N LEU B 206 30.71 8.80 2.31
CA LEU B 206 30.08 7.55 2.71
C LEU B 206 28.80 7.23 1.95
N HIS B 207 28.71 6.00 1.47
CA HIS B 207 27.56 5.53 0.73
C HIS B 207 26.94 4.38 1.51
N PHE B 208 25.95 4.66 2.36
CA PHE B 208 25.33 3.60 3.13
C PHE B 208 24.09 3.06 2.46
N HIS B 209 23.81 1.79 2.71
CA HIS B 209 22.61 1.14 2.18
C HIS B 209 21.77 0.76 3.40
N ASP B 210 20.54 1.25 3.54
CA ASP B 210 19.80 0.83 4.72
C ASP B 210 18.93 -0.38 4.46
N THR B 211 19.56 -1.40 3.90
CA THR B 211 18.89 -2.64 3.65
C THR B 211 18.46 -3.15 5.04
N ARG B 212 19.21 -2.79 6.07
CA ARG B 212 18.87 -3.22 7.42
C ARG B 212 18.35 -2.03 8.21
N GLY B 213 18.10 -0.93 7.51
CA GLY B 213 17.59 0.26 8.15
C GLY B 213 18.49 0.87 9.18
N THR B 214 19.79 0.80 8.96
CA THR B 214 20.73 1.35 9.92
C THR B 214 21.52 2.48 9.32
N ALA B 215 21.18 2.86 8.10
CA ALA B 215 21.90 3.93 7.38
C ALA B 215 22.03 5.22 8.15
N LEU B 216 20.90 5.83 8.46
CA LEU B 216 20.92 7.09 9.18
C LEU B 216 21.68 6.97 10.48
N ALA B 217 21.53 5.82 11.13
CA ALA B 217 22.22 5.56 12.39
C ALA B 217 23.71 5.60 12.14
N ASN B 218 24.16 4.90 11.10
CA ASN B 218 25.57 4.90 10.79
C ASN B 218 25.99 6.31 10.43
N MSE B 219 25.10 7.05 9.78
CA MSE B 219 25.43 8.39 9.41
C MSE B 219 25.76 9.27 10.60
O MSE B 219 26.68 10.09 10.53
CB MSE B 219 24.29 8.99 8.65
CG MSE B 219 24.71 10.09 7.77
SE MSE B 219 23.31 10.21 6.52
CE MSE B 219 23.52 8.52 5.56
N VAL B 220 24.99 9.13 11.68
CA VAL B 220 25.23 9.92 12.86
C VAL B 220 26.63 9.69 13.40
N THR B 221 27.01 8.41 13.51
CA THR B 221 28.33 8.04 13.99
C THR B 221 29.38 8.71 13.12
N ALA B 222 29.17 8.65 11.81
CA ALA B 222 30.10 9.26 10.86
C ALA B 222 30.13 10.78 11.08
N LEU B 223 28.95 11.40 11.19
CA LEU B 223 28.90 12.84 11.40
C LEU B 223 29.74 13.22 12.60
N GLN B 224 29.80 12.31 13.57
CA GLN B 224 30.56 12.53 14.78
C GLN B 224 32.06 12.35 14.55
N MSE B 225 32.44 11.49 13.60
CA MSE B 225 33.85 11.27 13.34
C MSE B 225 34.46 12.37 12.48
O MSE B 225 35.68 12.53 12.46
CB MSE B 225 34.04 9.94 12.61
CG MSE B 225 33.58 8.70 13.37
SE MSE B 225 34.61 8.36 14.94
CE MSE B 225 36.38 8.66 14.21
N GLY B 226 33.62 13.10 11.75
CA GLY B 226 34.10 14.18 10.90
C GLY B 226 33.70 14.15 9.43
N ILE B 227 33.28 13.00 8.91
CA ILE B 227 32.87 12.91 7.51
C ILE B 227 31.78 13.93 7.28
N THR B 228 31.80 14.58 6.13
CA THR B 228 30.78 15.59 5.83
C THR B 228 30.21 15.41 4.42
N VAL B 229 30.50 14.25 3.85
CA VAL B 229 30.02 13.93 2.52
C VAL B 229 29.22 12.63 2.55
N PHE B 230 27.98 12.69 2.14
CA PHE B 230 27.15 11.52 2.16
C PHE B 230 26.38 11.34 0.87
N ASP B 231 26.38 10.12 0.37
CA ASP B 231 25.66 9.79 -0.86
C ASP B 231 24.25 9.36 -0.54
N GLY B 232 23.30 9.74 -1.37
CA GLY B 232 21.92 9.36 -1.14
C GLY B 232 21.16 9.11 -2.43
N SER B 233 19.99 8.51 -2.33
CA SER B 233 19.19 8.24 -3.51
C SER B 233 17.77 8.77 -3.31
N ALA B 234 17.33 9.68 -4.17
CA ALA B 234 16.00 10.25 -4.02
C ALA B 234 14.95 9.15 -3.91
N GLY B 235 14.11 9.22 -2.87
CA GLY B 235 13.07 8.23 -2.69
C GLY B 235 13.56 6.88 -2.18
N GLY B 236 14.86 6.65 -2.26
CA GLY B 236 15.37 5.39 -1.79
C GLY B 236 15.43 4.40 -2.94
N LEU B 237 15.34 4.93 -4.15
CA LEU B 237 15.40 4.09 -5.35
C LEU B 237 16.53 3.09 -5.27
N GLY B 238 16.37 2.00 -5.98
CA GLY B 238 17.40 0.99 -6.02
C GLY B 238 17.31 -0.03 -4.93
N GLY B 239 16.96 -1.26 -5.31
CA GLY B 239 16.87 -2.34 -4.36
C GLY B 239 18.23 -3.01 -4.23
N CYS B 240 18.37 -3.84 -3.21
CA CYS B 240 19.62 -4.56 -2.99
C CYS B 240 19.57 -5.90 -3.73
N PRO B 241 20.45 -6.11 -4.73
CA PRO B 241 20.48 -7.36 -5.50
C PRO B 241 20.80 -8.57 -4.62
N TYR B 242 21.51 -8.33 -3.52
CA TYR B 242 21.87 -9.39 -2.60
C TYR B 242 20.63 -9.82 -1.80
N ALA B 243 19.66 -8.93 -1.68
CA ALA B 243 18.42 -9.21 -0.95
C ALA B 243 17.24 -8.48 -1.61
N PRO B 244 16.59 -9.14 -2.60
CA PRO B 244 15.45 -8.56 -3.31
C PRO B 244 14.24 -8.26 -2.43
N GLY B 245 13.55 -7.15 -2.71
CA GLY B 245 12.40 -6.78 -1.92
C GLY B 245 12.74 -5.85 -0.77
N SER B 246 14.04 -5.58 -0.59
CA SER B 246 14.50 -4.70 0.48
C SER B 246 15.14 -3.43 -0.10
N SER B 247 14.99 -2.31 0.62
CA SER B 247 15.54 -1.02 0.19
C SER B 247 17.04 -1.07 -0.03
N GLY B 248 17.54 -0.11 -0.82
CA GLY B 248 18.96 -0.05 -1.10
C GLY B 248 19.65 1.06 -0.33
N ASN B 249 19.98 2.15 -1.01
CA ASN B 249 20.64 3.27 -0.35
C ASN B 249 19.66 4.10 0.43
N ALA B 250 20.17 4.86 1.37
CA ALA B 250 19.33 5.72 2.21
C ALA B 250 18.61 6.76 1.36
N ALA B 251 17.36 7.01 1.70
CA ALA B 251 16.57 7.98 0.97
C ALA B 251 17.14 9.37 1.17
N THR B 252 17.54 10.01 0.07
CA THR B 252 18.10 11.35 0.13
C THR B 252 17.29 12.31 1.00
N GLU B 253 15.98 12.35 0.81
CA GLU B 253 15.17 13.24 1.63
C GLU B 253 15.27 12.91 3.11
N ASP B 254 15.31 11.63 3.46
CA ASP B 254 15.43 11.25 4.87
C ASP B 254 16.74 11.76 5.43
N ILE B 255 17.78 11.74 4.59
CA ILE B 255 19.08 12.21 5.00
C ILE B 255 19.05 13.71 5.14
N VAL B 256 18.46 14.38 4.16
CA VAL B 256 18.36 15.83 4.19
C VAL B 256 17.53 16.29 5.38
N TYR B 257 16.42 15.62 5.64
CA TYR B 257 15.53 15.98 6.74
C TYR B 257 16.21 15.92 8.10
N MSE B 258 16.67 14.74 8.47
CA MSE B 258 17.32 14.58 9.74
C MSE B 258 18.44 15.58 9.93
O MSE B 258 18.59 16.13 11.01
CB MSE B 258 17.87 13.17 9.88
CG MSE B 258 18.48 12.95 11.23
SE MSE B 258 19.55 11.37 11.35
CE MSE B 258 20.83 11.78 9.98
N LEU B 259 19.24 15.80 8.90
CA LEU B 259 20.32 16.74 9.00
C LEU B 259 19.81 18.13 9.31
N GLU B 260 18.68 18.50 8.70
CA GLU B 260 18.11 19.82 8.93
C GLU B 260 17.68 20.01 10.37
N GLN B 261 16.97 19.02 10.91
CA GLN B 261 16.51 19.09 12.29
C GLN B 261 17.69 19.21 13.24
N MSE B 262 18.85 18.71 12.83
CA MSE B 262 20.02 18.79 13.66
C MSE B 262 20.75 20.12 13.47
O MSE B 262 21.85 20.33 14.00
CB MSE B 262 20.97 17.65 13.33
CG MSE B 262 20.47 16.27 13.75
SE MSE B 262 21.71 14.90 13.20
CE MSE B 262 23.14 15.25 14.47
N ASP B 263 20.13 21.01 12.71
CA ASP B 263 20.70 22.32 12.44
C ASP B 263 22.00 22.25 11.63
N ILE B 264 22.01 21.36 10.64
CA ILE B 264 23.16 21.19 9.78
C ILE B 264 22.69 21.55 8.37
N LYS B 265 23.38 22.51 7.73
CA LYS B 265 23.00 22.95 6.40
C LYS B 265 23.40 22.00 5.29
N THR B 266 22.45 21.76 4.39
CA THR B 266 22.65 20.89 3.23
C THR B 266 22.32 21.67 1.96
N ASN B 267 21.80 22.88 2.15
CA ASN B 267 21.44 23.75 1.04
C ASN B 267 20.47 23.07 0.11
N VAL B 268 19.79 22.04 0.60
CA VAL B 268 18.83 21.34 -0.23
C VAL B 268 17.42 21.68 0.23
N LYS B 269 16.59 22.14 -0.70
CA LYS B 269 15.23 22.51 -0.35
C LYS B 269 14.40 21.25 -0.36
N LEU B 270 14.36 20.60 0.80
CA LEU B 270 13.63 19.35 1.02
C LEU B 270 12.29 19.29 0.30
N GLU B 271 11.49 20.34 0.47
CA GLU B 271 10.18 20.40 -0.17
C GLU B 271 10.29 19.97 -1.63
N LYS B 272 11.16 20.64 -2.38
CA LYS B 272 11.36 20.32 -3.77
C LYS B 272 11.78 18.87 -3.96
N LEU B 273 12.77 18.43 -3.19
CA LEU B 273 13.27 17.05 -3.26
C LEU B 273 12.11 16.06 -3.13
N LEU B 274 11.33 16.23 -2.07
CA LEU B 274 10.19 15.39 -1.80
C LEU B 274 9.26 15.32 -3.01
N SER B 275 9.00 16.48 -3.61
CA SER B 275 8.14 16.52 -4.77
C SER B 275 8.76 15.67 -5.87
N ALA B 276 10.08 15.79 -6.04
CA ALA B 276 10.77 15.01 -7.05
C ALA B 276 10.70 13.49 -6.77
N ALA B 277 10.82 13.13 -5.50
CA ALA B 277 10.76 11.73 -5.12
C ALA B 277 9.41 11.14 -5.51
N LYS B 278 8.35 11.87 -5.21
CA LYS B 278 7.01 11.40 -5.52
C LYS B 278 6.85 11.19 -7.00
N TRP B 279 7.44 12.08 -7.79
CA TRP B 279 7.35 11.98 -9.24
C TRP B 279 7.75 10.60 -9.77
N ILE B 280 9.02 10.22 -9.59
CA ILE B 280 9.50 8.92 -10.03
C ILE B 280 8.70 7.79 -9.43
N GLU B 281 8.31 7.94 -8.17
CA GLU B 281 7.54 6.90 -7.52
C GLU B 281 6.31 6.60 -8.36
N GLU B 282 5.72 7.63 -8.94
CA GLU B 282 4.55 7.46 -9.77
C GLU B 282 4.94 6.83 -11.09
N LYS B 283 6.10 7.22 -11.60
CA LYS B 283 6.56 6.65 -12.86
C LYS B 283 6.97 5.22 -12.60
N MSE B 284 7.25 4.91 -11.34
CA MSE B 284 7.67 3.57 -10.97
C MSE B 284 6.48 2.67 -10.72
O MSE B 284 6.59 1.44 -10.75
CB MSE B 284 8.56 3.62 -9.72
CG MSE B 284 9.57 2.49 -9.62
SE MSE B 284 11.21 2.85 -10.59
CE MSE B 284 10.67 2.35 -12.36
N GLY B 285 5.34 3.29 -10.44
CA GLY B 285 4.13 2.53 -10.18
C GLY B 285 4.30 1.65 -8.95
N LYS B 286 5.39 1.88 -8.23
CA LYS B 286 5.68 1.11 -7.03
C LYS B 286 6.03 2.10 -5.94
N PRO B 287 5.70 1.80 -4.67
CA PRO B 287 6.04 2.71 -3.58
C PRO B 287 7.51 2.63 -3.19
N LEU B 288 8.11 3.79 -2.94
CA LEU B 288 9.52 3.86 -2.56
C LEU B 288 9.61 3.77 -1.05
N PRO B 289 10.70 3.20 -0.53
CA PRO B 289 10.94 3.04 0.90
C PRO B 289 11.05 4.31 1.73
N SER B 290 11.30 5.44 1.07
CA SER B 290 11.45 6.73 1.75
C SER B 290 10.38 7.01 2.78
N ARG B 291 10.79 7.34 4.01
CA ARG B 291 9.85 7.62 5.08
C ARG B 291 9.22 9.00 4.91
N ASN B 292 10.04 10.02 4.71
CA ASN B 292 9.47 11.36 4.53
C ASN B 292 8.61 11.45 3.28
N LEU B 293 8.90 10.65 2.27
CA LEU B 293 8.06 10.71 1.09
C LEU B 293 6.64 10.32 1.49
N GLN B 294 6.51 9.30 2.32
CA GLN B 294 5.18 8.86 2.74
C GLN B 294 4.50 10.00 3.50
N VAL B 295 5.24 10.62 4.41
CA VAL B 295 4.73 11.74 5.20
C VAL B 295 4.32 12.88 4.27
N PHE B 296 5.12 13.10 3.25
CA PHE B 296 4.84 14.16 2.28
C PHE B 296 3.49 13.90 1.61
N LYS B 297 3.26 12.66 1.18
CA LYS B 297 2.03 12.30 0.54
C LYS B 297 0.89 12.45 1.54
N SER B 298 1.20 13.02 2.70
CA SER B 298 0.25 13.23 3.80
C SER B 298 -0.61 11.98 4.02
N MSE C 1 -30.56 -12.86 -26.13
CA MSE C 1 -31.06 -12.32 -24.83
C MSE C 1 -30.49 -13.04 -23.62
O MSE C 1 -29.81 -12.44 -22.81
CB MSE C 1 -32.58 -12.42 -24.78
CG MSE C 1 -33.15 -11.96 -23.44
SE MSE C 1 -32.93 -10.06 -23.19
CE MSE C 1 -31.20 -10.00 -22.24
N PRO C 2 -30.77 -14.35 -23.49
CA PRO C 2 -30.25 -15.11 -22.34
C PRO C 2 -28.73 -15.27 -22.35
N TYR C 3 -28.12 -15.09 -21.18
CA TYR C 3 -26.66 -15.19 -21.08
C TYR C 3 -26.17 -16.54 -21.61
N PRO C 4 -25.00 -16.56 -22.26
CA PRO C 4 -24.43 -17.78 -22.82
C PRO C 4 -24.21 -18.86 -21.76
N LYS C 5 -24.15 -20.11 -22.20
CA LYS C 5 -23.94 -21.24 -21.29
C LYS C 5 -22.48 -21.42 -20.89
N LYS C 6 -21.58 -21.14 -21.82
CA LYS C 6 -20.15 -21.31 -21.56
C LYS C 6 -19.37 -20.13 -22.12
N VAL C 7 -18.36 -19.71 -21.38
CA VAL C 7 -17.53 -18.59 -21.79
C VAL C 7 -16.08 -18.89 -21.50
N THR C 8 -15.25 -18.78 -22.51
CA THR C 8 -13.82 -19.03 -22.34
C THR C 8 -13.04 -17.80 -21.91
N ILE C 9 -12.35 -17.91 -20.77
CA ILE C 9 -11.56 -16.80 -20.26
C ILE C 9 -10.07 -17.09 -20.45
N LYS C 10 -9.32 -16.09 -20.90
CA LYS C 10 -7.90 -16.24 -21.14
C LYS C 10 -7.01 -15.52 -20.12
N GLU C 11 -6.09 -16.25 -19.51
CA GLU C 11 -5.17 -15.71 -18.51
C GLU C 11 -4.00 -15.02 -19.16
N VAL C 12 -3.72 -13.78 -18.78
CA VAL C 12 -2.59 -13.05 -19.35
C VAL C 12 -1.71 -12.44 -18.25
N GLY C 13 -1.89 -12.94 -17.03
CA GLY C 13 -1.13 -12.44 -15.90
C GLY C 13 0.37 -12.62 -16.00
N PRO C 14 0.83 -13.82 -16.31
CA PRO C 14 2.27 -14.03 -16.40
C PRO C 14 2.92 -13.14 -17.45
N ARG C 15 2.11 -12.49 -18.28
CA ARG C 15 2.69 -11.61 -19.26
C ARG C 15 2.32 -10.13 -19.02
N ASP C 16 1.10 -9.75 -19.41
CA ASP C 16 0.63 -8.39 -19.24
C ASP C 16 0.68 -7.99 -17.77
N GLY C 17 0.59 -8.98 -16.89
CA GLY C 17 0.61 -8.66 -15.49
C GLY C 17 2.00 -8.46 -14.97
N LEU C 18 2.88 -9.42 -15.23
CA LEU C 18 4.24 -9.30 -14.72
C LEU C 18 5.05 -8.17 -15.35
N GLN C 19 4.82 -7.87 -16.62
CA GLN C 19 5.56 -6.78 -17.26
C GLN C 19 5.06 -5.40 -16.83
N ASN C 20 3.98 -5.39 -16.06
CA ASN C 20 3.43 -4.14 -15.57
C ASN C 20 3.65 -3.97 -14.06
N GLU C 21 4.48 -4.83 -13.48
CA GLU C 21 4.77 -4.73 -12.07
C GLU C 21 6.22 -4.31 -11.90
N PRO C 22 6.46 -3.27 -11.09
CA PRO C 22 7.80 -2.75 -10.83
C PRO C 22 8.60 -3.67 -9.91
N VAL C 23 8.47 -4.97 -10.12
CA VAL C 23 9.17 -5.94 -9.31
C VAL C 23 9.58 -7.15 -10.13
N TRP C 24 10.80 -7.62 -9.95
CA TRP C 24 11.26 -8.75 -10.71
C TRP C 24 11.00 -10.07 -10.00
N ILE C 25 10.27 -10.94 -10.67
CA ILE C 25 9.95 -12.26 -10.13
C ILE C 25 11.00 -13.21 -10.64
N ALA C 26 11.66 -13.91 -9.71
CA ALA C 26 12.69 -14.85 -10.09
C ALA C 26 12.18 -15.72 -11.23
N THR C 27 13.04 -15.92 -12.22
CA THR C 27 12.72 -16.73 -13.38
C THR C 27 12.10 -18.07 -12.95
N GLU C 28 12.65 -18.68 -11.91
CA GLU C 28 12.09 -19.96 -11.45
C GLU C 28 10.67 -19.81 -10.94
N ASP C 29 10.47 -18.87 -10.00
CA ASP C 29 9.16 -18.59 -9.43
C ASP C 29 8.11 -18.42 -10.51
N LYS C 30 8.46 -17.75 -11.60
CA LYS C 30 7.51 -17.57 -12.68
C LYS C 30 6.99 -18.94 -13.07
N ILE C 31 7.92 -19.84 -13.35
CA ILE C 31 7.57 -21.21 -13.74
C ILE C 31 6.69 -21.86 -12.70
N THR C 32 7.13 -21.81 -11.45
CA THR C 32 6.36 -22.41 -10.38
C THR C 32 4.93 -21.89 -10.34
N TRP C 33 4.74 -20.60 -10.62
CA TRP C 33 3.42 -19.99 -10.61
C TRP C 33 2.58 -20.36 -11.83
N ILE C 34 3.25 -20.42 -12.97
CA ILE C 34 2.58 -20.77 -14.22
C ILE C 34 2.16 -22.23 -14.18
N ASN C 35 2.89 -23.03 -13.42
CA ASN C 35 2.56 -24.44 -13.30
C ASN C 35 1.23 -24.57 -12.59
N GLN C 36 1.09 -23.84 -11.48
CA GLN C 36 -0.15 -23.83 -10.74
C GLN C 36 -1.28 -23.49 -11.73
N LEU C 37 -1.12 -22.36 -12.42
CA LEU C 37 -2.12 -21.91 -13.37
C LEU C 37 -2.51 -22.99 -14.36
N SER C 38 -1.51 -23.64 -14.97
CA SER C 38 -1.75 -24.69 -15.95
C SER C 38 -2.75 -25.72 -15.44
N ARG C 39 -2.59 -26.14 -14.19
CA ARG C 39 -3.52 -27.11 -13.63
C ARG C 39 -4.54 -26.42 -12.75
N THR C 40 -5.15 -25.39 -13.30
CA THR C 40 -6.14 -24.65 -12.57
C THR C 40 -7.50 -24.84 -13.24
N GLY C 41 -7.47 -25.17 -14.52
CA GLY C 41 -8.70 -25.35 -15.27
C GLY C 41 -8.67 -24.44 -16.48
N LEU C 42 -7.88 -23.37 -16.40
CA LEU C 42 -7.75 -22.43 -17.49
C LEU C 42 -7.28 -23.23 -18.70
N SER C 43 -7.68 -22.81 -19.90
CA SER C 43 -7.30 -23.51 -21.12
C SER C 43 -6.46 -22.62 -22.03
N TYR C 44 -6.00 -21.49 -21.51
CA TYR C 44 -5.19 -20.56 -22.30
C TYR C 44 -4.38 -19.69 -21.36
N ILE C 45 -3.09 -19.55 -21.65
CA ILE C 45 -2.23 -18.76 -20.78
C ILE C 45 -1.07 -18.12 -21.56
N GLU C 46 -0.98 -16.80 -21.54
CA GLU C 46 0.14 -16.18 -22.21
C GLU C 46 1.33 -16.26 -21.27
N ILE C 47 2.14 -17.32 -21.39
CA ILE C 47 3.28 -17.49 -20.51
C ILE C 47 4.28 -16.34 -20.49
N THR C 48 4.47 -15.66 -21.61
CA THR C 48 5.43 -14.56 -21.66
C THR C 48 5.39 -13.75 -22.94
N SER C 49 6.30 -12.78 -23.05
CA SER C 49 6.38 -11.93 -24.22
C SER C 49 7.76 -12.03 -24.83
N PHE C 50 7.82 -12.09 -26.16
CA PHE C 50 9.09 -12.16 -26.84
C PHE C 50 9.55 -10.83 -27.41
N VAL C 51 9.16 -9.74 -26.77
CA VAL C 51 9.59 -8.41 -27.19
C VAL C 51 11.03 -8.31 -26.70
N HIS C 52 11.88 -7.54 -27.38
CA HIS C 52 13.28 -7.41 -26.95
C HIS C 52 13.39 -7.09 -25.45
N PRO C 53 14.13 -7.92 -24.69
CA PRO C 53 14.32 -7.73 -23.25
C PRO C 53 14.65 -6.31 -22.79
N LYS C 54 15.17 -5.48 -23.70
CA LYS C 54 15.52 -4.09 -23.39
C LYS C 54 14.30 -3.28 -22.99
N TRP C 55 13.15 -3.56 -23.59
CA TRP C 55 11.95 -2.84 -23.27
C TRP C 55 11.13 -3.49 -22.17
N ILE C 56 11.27 -4.79 -22.02
CA ILE C 56 10.53 -5.52 -21.00
C ILE C 56 11.45 -6.31 -20.09
N PRO C 57 12.33 -5.61 -19.36
CA PRO C 57 13.29 -6.23 -18.45
C PRO C 57 12.67 -7.18 -17.43
N ALA C 58 11.39 -6.98 -17.12
CA ALA C 58 10.70 -7.83 -16.16
C ALA C 58 10.43 -9.24 -16.74
N LEU C 59 10.54 -9.35 -18.06
CA LEU C 59 10.30 -10.62 -18.71
C LEU C 59 11.45 -10.97 -19.64
N ARG C 60 12.67 -10.71 -19.18
CA ARG C 60 13.83 -11.01 -20.00
C ARG C 60 14.09 -12.49 -20.08
N ASP C 61 13.42 -13.25 -19.23
CA ASP C 61 13.57 -14.70 -19.21
C ASP C 61 12.50 -15.41 -20.01
N ALA C 62 11.99 -14.75 -21.03
CA ALA C 62 10.95 -15.33 -21.87
C ALA C 62 11.31 -16.72 -22.38
N ILE C 63 12.40 -16.81 -23.13
CA ILE C 63 12.82 -18.08 -23.69
C ILE C 63 13.03 -19.14 -22.65
N ASP C 64 13.55 -18.73 -21.48
CA ASP C 64 13.80 -19.67 -20.38
C ASP C 64 12.51 -20.20 -19.76
N VAL C 65 11.56 -19.31 -19.51
CA VAL C 65 10.29 -19.71 -18.92
C VAL C 65 9.48 -20.53 -19.92
N ALA C 66 9.58 -20.20 -21.20
CA ALA C 66 8.85 -20.90 -22.24
C ALA C 66 9.21 -22.38 -22.30
N LYS C 67 10.39 -22.72 -21.80
CA LYS C 67 10.85 -24.11 -21.80
C LYS C 67 10.81 -24.73 -20.41
N GLY C 68 10.52 -23.91 -19.40
CA GLY C 68 10.47 -24.40 -18.04
C GLY C 68 9.11 -24.89 -17.58
N ILE C 69 8.05 -24.25 -18.04
CA ILE C 69 6.69 -24.62 -17.64
C ILE C 69 6.40 -26.11 -17.83
N ASP C 70 5.40 -26.60 -17.10
CA ASP C 70 5.01 -27.99 -17.20
C ASP C 70 4.31 -28.29 -18.50
N ARG C 71 3.49 -27.35 -18.95
CA ARG C 71 2.78 -27.54 -20.22
C ARG C 71 1.80 -28.72 -20.14
N GLU C 72 0.58 -28.42 -19.74
CA GLU C 72 -0.50 -29.40 -19.59
C GLU C 72 -1.28 -29.56 -20.87
N LYS C 73 -2.00 -30.67 -20.98
CA LYS C 73 -2.80 -30.96 -22.16
C LYS C 73 -4.13 -30.21 -22.14
N GLY C 74 -4.56 -29.79 -23.31
CA GLY C 74 -5.79 -29.05 -23.42
C GLY C 74 -5.56 -27.59 -23.09
N VAL C 75 -4.31 -27.25 -22.80
CA VAL C 75 -3.95 -25.89 -22.47
C VAL C 75 -3.24 -25.25 -23.63
N THR C 76 -3.66 -24.04 -23.99
CA THR C 76 -3.03 -23.33 -25.10
C THR C 76 -2.07 -22.31 -24.52
N TYR C 77 -0.77 -22.54 -24.70
CA TYR C 77 0.25 -21.62 -24.20
C TYR C 77 0.63 -20.64 -25.29
N ALA C 78 0.35 -19.35 -25.03
CA ALA C 78 0.63 -18.29 -25.99
C ALA C 78 1.65 -17.30 -25.50
N ALA C 79 2.20 -16.52 -26.43
CA ALA C 79 3.19 -15.53 -26.08
C ALA C 79 3.02 -14.35 -27.00
N LEU C 80 3.43 -13.19 -26.53
CA LEU C 80 3.32 -11.99 -27.33
C LEU C 80 4.47 -12.00 -28.32
N VAL C 81 4.18 -11.79 -29.60
CA VAL C 81 5.23 -11.77 -30.62
C VAL C 81 5.24 -10.42 -31.34
N PRO C 82 6.32 -9.64 -31.18
CA PRO C 82 6.46 -8.34 -31.81
C PRO C 82 6.74 -8.33 -33.30
N ASN C 83 7.45 -9.36 -33.77
CA ASN C 83 7.79 -9.46 -35.18
C ASN C 83 8.48 -10.79 -35.53
N GLN C 84 8.82 -10.97 -36.81
CA GLN C 84 9.46 -12.20 -37.27
C GLN C 84 10.58 -12.71 -36.37
N ARG C 85 11.50 -11.82 -36.02
CA ARG C 85 12.63 -12.15 -35.16
C ARG C 85 12.11 -12.73 -33.85
N GLY C 86 11.01 -12.16 -33.37
CA GLY C 86 10.41 -12.63 -32.14
C GLY C 86 9.72 -13.96 -32.37
N LEU C 87 9.01 -14.08 -33.49
CA LEU C 87 8.32 -15.30 -33.82
C LEU C 87 9.31 -16.46 -33.83
N GLU C 88 10.53 -16.16 -34.24
CA GLU C 88 11.58 -17.16 -34.30
C GLU C 88 11.83 -17.72 -32.90
N ASN C 89 12.09 -16.83 -31.95
CA ASN C 89 12.34 -17.26 -30.59
C ASN C 89 11.14 -17.98 -30.00
N ALA C 90 9.94 -17.48 -30.28
CA ALA C 90 8.71 -18.09 -29.77
C ALA C 90 8.61 -19.52 -30.26
N LEU C 91 9.00 -19.72 -31.52
CA LEU C 91 8.97 -21.06 -32.13
C LEU C 91 9.87 -22.02 -31.37
N GLU C 92 11.03 -21.55 -30.94
CA GLU C 92 11.94 -22.37 -30.19
C GLU C 92 11.41 -22.62 -28.79
N GLY C 93 10.65 -21.66 -28.26
CA GLY C 93 10.09 -21.81 -26.93
C GLY C 93 8.96 -22.82 -26.88
N GLY C 94 8.37 -23.11 -28.04
CA GLY C 94 7.29 -24.09 -28.08
C GLY C 94 5.90 -23.50 -28.01
N ILE C 95 5.82 -22.17 -28.01
CA ILE C 95 4.52 -21.49 -27.95
C ILE C 95 3.53 -22.03 -28.97
N ASN C 96 2.31 -22.31 -28.52
CA ASN C 96 1.27 -22.84 -29.40
C ASN C 96 0.67 -21.71 -30.18
N GLU C 97 0.38 -20.59 -29.51
CA GLU C 97 -0.22 -19.45 -30.19
C GLU C 97 0.56 -18.15 -30.04
N ALA C 98 0.68 -17.42 -31.14
CA ALA C 98 1.40 -16.17 -31.14
C ALA C 98 0.39 -15.04 -31.16
N CYS C 99 0.59 -14.02 -30.33
CA CYS C 99 -0.34 -12.92 -30.32
C CYS C 99 0.32 -11.65 -30.81
N VAL C 100 -0.06 -11.19 -31.99
CA VAL C 100 0.51 -9.94 -32.46
C VAL C 100 -0.25 -8.80 -31.80
N PHE C 101 0.22 -7.57 -31.97
CA PHE C 101 -0.45 -6.43 -31.34
C PHE C 101 -0.15 -5.11 -32.00
N MSE C 102 -1.03 -4.15 -31.78
CA MSE C 102 -0.87 -2.82 -32.33
C MSE C 102 -1.95 -1.95 -31.73
O MSE C 102 -2.88 -2.46 -31.12
CB MSE C 102 -1.00 -2.82 -33.85
CG MSE C 102 -2.41 -3.09 -34.35
SE MSE C 102 -2.57 -2.91 -36.28
CE MSE C 102 -2.54 -0.95 -36.36
N SER C 103 -1.83 -0.65 -31.93
CA SER C 103 -2.83 0.25 -31.37
C SER C 103 -3.75 0.81 -32.45
N ALA C 104 -4.99 1.06 -32.07
CA ALA C 104 -5.99 1.62 -32.97
C ALA C 104 -5.69 3.12 -33.14
N SER C 105 -5.20 3.72 -32.07
CA SER C 105 -4.83 5.13 -32.08
C SER C 105 -3.45 5.28 -32.70
N GLU C 106 -3.31 6.23 -33.62
CA GLU C 106 -2.03 6.46 -34.28
C GLU C 106 -1.00 6.94 -33.26
N THR C 107 -1.39 7.91 -32.46
CA THR C 107 -0.49 8.48 -31.48
C THR C 107 0.03 7.43 -30.50
N HIS C 108 -0.90 6.61 -30.00
CA HIS C 108 -0.54 5.57 -29.04
C HIS C 108 0.39 4.54 -29.68
N ASN C 109 0.05 4.13 -30.89
CA ASN C 109 0.85 3.16 -31.60
C ASN C 109 2.26 3.72 -31.82
N ARG C 110 2.35 4.87 -32.48
CA ARG C 110 3.64 5.48 -32.74
C ARG C 110 4.41 5.74 -31.47
N LYS C 111 3.71 5.94 -30.37
CA LYS C 111 4.39 6.19 -29.11
C LYS C 111 4.27 4.97 -28.20
N ASN C 112 4.76 3.83 -28.68
CA ASN C 112 4.68 2.60 -27.92
C ASN C 112 5.55 1.57 -28.59
N ILE C 113 5.39 1.44 -29.90
CA ILE C 113 6.18 0.51 -30.68
C ILE C 113 6.81 1.28 -31.85
N ASN C 114 6.62 2.59 -31.81
CA ASN C 114 7.14 3.52 -32.82
C ASN C 114 6.99 3.04 -34.25
N LYS C 115 5.75 3.13 -34.75
CA LYS C 115 5.41 2.73 -36.12
C LYS C 115 3.97 3.14 -36.39
N SER C 116 3.71 3.66 -37.58
CA SER C 116 2.37 4.08 -37.93
C SER C 116 1.47 2.87 -38.01
N THR C 117 0.17 3.11 -37.86
CA THR C 117 -0.80 2.02 -37.92
C THR C 117 -0.57 1.19 -39.17
N SER C 118 -0.27 1.85 -40.28
CA SER C 118 -0.05 1.15 -41.54
C SER C 118 1.19 0.26 -41.45
N GLU C 119 2.28 0.84 -40.97
CA GLU C 119 3.53 0.13 -40.81
C GLU C 119 3.32 -1.11 -39.96
N SER C 120 2.71 -0.93 -38.79
CA SER C 120 2.45 -2.05 -37.92
C SER C 120 1.58 -3.04 -38.66
N LEU C 121 0.52 -2.55 -39.29
CA LEU C 121 -0.38 -3.42 -40.00
C LEU C 121 0.43 -4.30 -40.92
N HIS C 122 1.37 -3.68 -41.63
CA HIS C 122 2.21 -4.42 -42.56
C HIS C 122 3.04 -5.48 -41.85
N ILE C 123 3.53 -5.14 -40.65
CA ILE C 123 4.33 -6.08 -39.87
C ILE C 123 3.50 -7.30 -39.51
N LEU C 124 2.43 -7.06 -38.76
CA LEU C 124 1.53 -8.12 -38.33
C LEU C 124 1.12 -8.99 -39.50
N LYS C 125 0.85 -8.33 -40.62
CA LYS C 125 0.45 -9.04 -41.84
C LYS C 125 1.39 -10.20 -42.09
N GLN C 126 2.66 -9.87 -42.27
CA GLN C 126 3.61 -10.94 -42.55
C GLN C 126 3.96 -11.74 -41.29
N VAL C 127 3.95 -11.10 -40.13
CA VAL C 127 4.25 -11.83 -38.91
C VAL C 127 3.20 -12.92 -38.69
N ASN C 128 1.98 -12.67 -39.14
CA ASN C 128 0.91 -13.64 -38.99
C ASN C 128 1.06 -14.76 -40.01
N ASN C 129 1.42 -14.38 -41.24
CA ASN C 129 1.62 -15.31 -42.34
C ASN C 129 2.68 -16.37 -41.98
N ASP C 130 3.82 -15.94 -41.46
CA ASP C 130 4.88 -16.85 -41.09
C ASP C 130 4.50 -17.71 -39.88
N ALA C 131 3.74 -17.13 -38.97
CA ALA C 131 3.31 -17.86 -37.80
C ALA C 131 2.45 -19.04 -38.20
N GLN C 132 1.38 -18.78 -38.95
CA GLN C 132 0.46 -19.84 -39.37
C GLN C 132 1.20 -20.87 -40.20
N LYS C 133 2.07 -20.39 -41.08
CA LYS C 133 2.84 -21.26 -41.95
C LYS C 133 3.66 -22.23 -41.11
N ALA C 134 3.85 -21.89 -39.85
CA ALA C 134 4.61 -22.76 -38.95
C ALA C 134 3.64 -23.62 -38.11
N ASN C 135 2.38 -23.66 -38.53
CA ASN C 135 1.35 -24.43 -37.83
C ASN C 135 1.14 -23.86 -36.45
N LEU C 136 1.00 -22.54 -36.38
CA LEU C 136 0.80 -21.83 -35.12
C LEU C 136 -0.45 -20.98 -35.20
N THR C 137 -1.32 -21.09 -34.21
CA THR C 137 -2.54 -20.30 -34.22
C THR C 137 -2.19 -18.85 -33.85
N THR C 138 -2.83 -17.90 -34.51
CA THR C 138 -2.55 -16.50 -34.24
C THR C 138 -3.73 -15.76 -33.64
N ARG C 139 -3.40 -14.71 -32.91
CA ARG C 139 -4.39 -13.89 -32.25
C ARG C 139 -3.89 -12.45 -32.28
N ALA C 140 -4.79 -11.50 -32.49
CA ALA C 140 -4.39 -10.10 -32.53
C ALA C 140 -4.88 -9.35 -31.30
N TYR C 141 -4.07 -8.40 -30.86
CA TYR C 141 -4.36 -7.58 -29.70
C TYR C 141 -4.50 -6.14 -30.12
N LEU C 142 -5.72 -5.71 -30.44
CA LEU C 142 -5.92 -4.32 -30.85
C LEU C 142 -6.14 -3.52 -29.58
N SER C 143 -5.27 -2.55 -29.30
CA SER C 143 -5.43 -1.77 -28.08
C SER C 143 -6.01 -0.39 -28.34
N THR C 144 -6.29 0.30 -27.25
CA THR C 144 -6.86 1.65 -27.26
C THR C 144 -8.13 1.78 -28.11
N VAL C 145 -8.95 0.73 -28.12
CA VAL C 145 -10.18 0.75 -28.92
C VAL C 145 -11.31 1.49 -28.23
N PHE C 146 -11.18 1.71 -26.92
CA PHE C 146 -12.22 2.41 -26.18
C PHE C 146 -11.71 3.75 -25.68
N GLY C 147 -10.82 4.37 -26.44
CA GLY C 147 -10.28 5.65 -26.01
C GLY C 147 -8.78 5.60 -25.86
N CYS C 148 -8.11 6.70 -26.18
CA CYS C 148 -6.67 6.79 -26.12
C CYS C 148 -6.20 7.74 -25.04
N PRO C 149 -5.06 7.43 -24.41
CA PRO C 149 -4.55 8.33 -23.35
C PRO C 149 -4.03 9.63 -23.93
N TYR C 150 -3.76 9.61 -25.24
CA TYR C 150 -3.24 10.77 -25.94
C TYR C 150 -4.31 11.42 -26.83
N GLU C 151 -4.90 10.65 -27.73
CA GLU C 151 -5.92 11.16 -28.63
C GLU C 151 -7.27 11.21 -27.96
N LYS C 152 -7.34 10.72 -26.73
CA LYS C 152 -8.57 10.70 -25.95
C LYS C 152 -9.69 9.92 -26.66
N ASP C 153 -10.38 10.58 -27.57
CA ASP C 153 -11.46 9.91 -28.27
C ASP C 153 -10.93 9.13 -29.47
N VAL C 154 -11.56 8.00 -29.76
CA VAL C 154 -11.16 7.15 -30.90
C VAL C 154 -12.39 6.78 -31.71
N PRO C 155 -12.44 7.20 -32.98
CA PRO C 155 -13.57 6.90 -33.86
C PRO C 155 -13.80 5.40 -34.08
N ILE C 156 -15.06 5.01 -34.21
CA ILE C 156 -15.38 3.62 -34.42
C ILE C 156 -14.92 3.11 -35.78
N GLU C 157 -14.94 3.99 -36.78
CA GLU C 157 -14.53 3.63 -38.14
C GLU C 157 -13.09 3.12 -38.17
N GLN C 158 -12.27 3.64 -37.26
CA GLN C 158 -10.87 3.25 -37.19
C GLN C 158 -10.79 1.79 -36.79
N VAL C 159 -11.49 1.45 -35.71
CA VAL C 159 -11.50 0.08 -35.19
C VAL C 159 -11.97 -0.87 -36.28
N ILE C 160 -13.10 -0.55 -36.89
CA ILE C 160 -13.65 -1.35 -37.95
C ILE C 160 -12.63 -1.54 -39.07
N ARG C 161 -12.07 -0.42 -39.52
CA ARG C 161 -11.07 -0.41 -40.59
C ARG C 161 -9.99 -1.43 -40.26
N LEU C 162 -9.22 -1.16 -39.19
CA LEU C 162 -8.16 -2.06 -38.75
C LEU C 162 -8.66 -3.49 -38.56
N SER C 163 -9.73 -3.63 -37.80
CA SER C 163 -10.31 -4.93 -37.55
C SER C 163 -10.53 -5.71 -38.85
N GLU C 164 -10.98 -5.03 -39.91
CA GLU C 164 -11.21 -5.70 -41.18
C GLU C 164 -9.88 -6.19 -41.75
N ALA C 165 -8.87 -5.34 -41.64
CA ALA C 165 -7.56 -5.73 -42.13
C ALA C 165 -7.09 -6.93 -41.32
N LEU C 166 -7.05 -6.78 -40.00
CA LEU C 166 -6.59 -7.87 -39.16
C LEU C 166 -7.23 -9.18 -39.55
N PHE C 167 -8.54 -9.19 -39.64
CA PHE C 167 -9.22 -10.43 -39.99
C PHE C 167 -8.87 -10.90 -41.39
N GLU C 168 -8.64 -9.95 -42.28
CA GLU C 168 -8.31 -10.25 -43.67
C GLU C 168 -6.97 -10.98 -43.75
N PHE C 169 -6.08 -10.73 -42.80
CA PHE C 169 -4.77 -11.37 -42.77
C PHE C 169 -4.87 -12.87 -42.48
N GLY C 170 -5.89 -13.26 -41.72
CA GLY C 170 -6.06 -14.65 -41.39
C GLY C 170 -6.02 -14.96 -39.90
N ILE C 171 -5.99 -13.92 -39.07
CA ILE C 171 -5.97 -14.10 -37.62
C ILE C 171 -7.18 -14.93 -37.20
N SER C 172 -7.12 -15.50 -36.01
CA SER C 172 -8.23 -16.33 -35.55
C SER C 172 -9.12 -15.62 -34.53
N GLU C 173 -8.54 -14.66 -33.82
CA GLU C 173 -9.29 -13.92 -32.80
C GLU C 173 -8.77 -12.50 -32.63
N LEU C 174 -9.67 -11.54 -32.58
CA LEU C 174 -9.24 -10.16 -32.41
C LEU C 174 -9.63 -9.71 -31.00
N SER C 175 -8.64 -9.53 -30.15
CA SER C 175 -8.92 -9.10 -28.79
C SER C 175 -8.88 -7.59 -28.64
N LEU C 176 -10.06 -7.00 -28.45
CA LEU C 176 -10.20 -5.55 -28.29
C LEU C 176 -9.95 -5.20 -26.85
N GLY C 177 -9.14 -4.18 -26.60
CA GLY C 177 -8.87 -3.83 -25.23
C GLY C 177 -9.12 -2.41 -24.80
N ASP C 178 -9.34 -2.25 -23.50
CA ASP C 178 -9.57 -0.96 -22.87
C ASP C 178 -8.28 -0.56 -22.16
N THR C 179 -7.35 0.01 -22.92
CA THR C 179 -6.08 0.38 -22.35
C THR C 179 -6.21 1.33 -21.16
N ILE C 180 -6.63 2.57 -21.42
CA ILE C 180 -6.76 3.55 -20.34
C ILE C 180 -7.72 3.06 -19.24
N GLY C 181 -8.68 2.23 -19.63
CA GLY C 181 -9.63 1.71 -18.68
C GLY C 181 -10.81 2.63 -18.50
N ALA C 182 -11.14 3.40 -19.55
CA ALA C 182 -12.26 4.33 -19.47
C ALA C 182 -13.44 3.96 -20.37
N ALA C 183 -13.94 2.74 -20.21
CA ALA C 183 -15.06 2.25 -21.00
C ALA C 183 -16.23 2.04 -20.07
N ASN C 184 -17.44 2.29 -20.56
CA ASN C 184 -18.63 2.11 -19.76
C ASN C 184 -19.56 1.17 -20.52
N PRO C 185 -20.49 0.51 -19.81
CA PRO C 185 -21.44 -0.43 -20.40
C PRO C 185 -22.16 0.16 -21.60
N ALA C 186 -22.30 1.48 -21.61
CA ALA C 186 -22.98 2.11 -22.73
C ALA C 186 -22.07 2.14 -23.96
N GLN C 187 -20.80 2.46 -23.74
CA GLN C 187 -19.83 2.52 -24.83
C GLN C 187 -19.57 1.15 -25.42
N VAL C 188 -19.39 0.15 -24.55
CA VAL C 188 -19.12 -1.21 -25.02
C VAL C 188 -20.32 -1.75 -25.79
N GLU C 189 -21.49 -1.19 -25.58
CA GLU C 189 -22.67 -1.66 -26.27
C GLU C 189 -22.72 -1.09 -27.68
N THR C 190 -22.51 0.21 -27.80
CA THR C 190 -22.53 0.82 -29.13
C THR C 190 -21.35 0.31 -29.93
N VAL C 191 -20.19 0.18 -29.29
CA VAL C 191 -19.02 -0.31 -30.00
C VAL C 191 -19.24 -1.74 -30.49
N LEU C 192 -19.57 -2.66 -29.58
CA LEU C 192 -19.81 -4.04 -29.98
C LEU C 192 -20.96 -4.16 -30.96
N GLU C 193 -21.85 -3.18 -30.93
CA GLU C 193 -23.00 -3.17 -31.84
C GLU C 193 -22.49 -3.00 -33.28
N ALA C 194 -21.59 -2.04 -33.45
CA ALA C 194 -21.02 -1.73 -34.75
C ALA C 194 -20.05 -2.81 -35.24
N LEU C 195 -19.33 -3.41 -34.31
CA LEU C 195 -18.39 -4.46 -34.66
C LEU C 195 -19.08 -5.78 -34.92
N LEU C 196 -19.87 -6.26 -33.96
CA LEU C 196 -20.57 -7.53 -34.13
C LEU C 196 -21.41 -7.61 -35.40
N ALA C 197 -21.68 -6.46 -36.00
CA ALA C 197 -22.46 -6.42 -37.22
C ALA C 197 -21.59 -6.54 -38.46
N ARG C 198 -20.40 -7.13 -38.30
CA ARG C 198 -19.49 -7.26 -39.44
C ARG C 198 -18.53 -8.44 -39.26
N PHE C 199 -18.25 -8.79 -38.03
CA PHE C 199 -17.34 -9.88 -37.73
C PHE C 199 -18.04 -10.84 -36.82
N PRO C 200 -17.72 -12.12 -36.91
CA PRO C 200 -18.35 -13.14 -36.05
C PRO C 200 -18.00 -12.94 -34.58
N ALA C 201 -19.02 -12.91 -33.72
CA ALA C 201 -18.82 -12.72 -32.30
C ALA C 201 -17.86 -13.76 -31.70
N ASN C 202 -17.85 -14.96 -32.27
CA ASN C 202 -16.98 -16.00 -31.78
C ASN C 202 -15.49 -15.67 -31.93
N GLN C 203 -15.18 -14.80 -32.87
CA GLN C 203 -13.79 -14.44 -33.10
C GLN C 203 -13.41 -13.10 -32.49
N ILE C 204 -14.14 -12.69 -31.47
CA ILE C 204 -13.85 -11.42 -30.81
C ILE C 204 -13.74 -11.58 -29.29
N ALA C 205 -12.63 -11.13 -28.74
CA ALA C 205 -12.40 -11.22 -27.31
C ALA C 205 -12.30 -9.83 -26.72
N LEU C 206 -12.47 -9.73 -25.41
CA LEU C 206 -12.39 -8.45 -24.73
C LEU C 206 -11.40 -8.44 -23.58
N HIS C 207 -10.58 -7.40 -23.55
CA HIS C 207 -9.57 -7.24 -22.54
C HIS C 207 -9.88 -5.95 -21.81
N PHE C 208 -10.63 -6.02 -20.72
CA PHE C 208 -10.96 -4.82 -19.97
C PHE C 208 -9.99 -4.54 -18.83
N HIS C 209 -9.81 -3.27 -18.51
CA HIS C 209 -8.94 -2.84 -17.41
C HIS C 209 -9.85 -2.15 -16.40
N ASP C 210 -9.98 -2.65 -15.18
CA ASP C 210 -10.86 -1.95 -14.27
C ASP C 210 -10.15 -0.90 -13.45
N THR C 211 -9.41 -0.06 -14.15
CA THR C 211 -8.71 1.03 -13.51
C THR C 211 -9.80 1.90 -12.86
N ARG C 212 -10.99 1.89 -13.45
CA ARG C 212 -12.10 2.66 -12.90
C ARG C 212 -13.12 1.74 -12.28
N GLY C 213 -12.72 0.47 -12.11
CA GLY C 213 -13.60 -0.52 -11.51
C GLY C 213 -14.89 -0.75 -12.28
N THR C 214 -14.84 -0.69 -13.61
CA THR C 214 -16.04 -0.91 -14.39
C THR C 214 -15.91 -2.13 -15.28
N ALA C 215 -14.81 -2.85 -15.13
CA ALA C 215 -14.55 -4.04 -15.94
C ALA C 215 -15.68 -5.03 -15.96
N LEU C 216 -15.99 -5.60 -14.79
CA LEU C 216 -17.04 -6.59 -14.72
C LEU C 216 -18.36 -6.05 -15.25
N ALA C 217 -18.61 -4.77 -15.01
CA ALA C 217 -19.83 -4.14 -15.49
C ALA C 217 -19.83 -4.18 -17.00
N ASN C 218 -18.70 -3.79 -17.59
CA ASN C 218 -18.61 -3.80 -19.03
C ASN C 218 -18.73 -5.24 -19.51
N MSE C 219 -18.24 -6.18 -18.72
CA MSE C 219 -18.32 -7.55 -19.12
C MSE C 219 -19.72 -8.06 -19.26
O MSE C 219 -20.02 -8.83 -20.16
CB MSE C 219 -17.59 -8.41 -18.11
CG MSE C 219 -17.15 -9.69 -18.68
SE MSE C 219 -15.76 -10.28 -17.52
CE MSE C 219 -14.43 -8.89 -17.84
N VAL C 220 -20.60 -7.63 -18.35
CA VAL C 220 -21.99 -8.05 -18.40
C VAL C 220 -22.62 -7.57 -19.71
N THR C 221 -22.39 -6.30 -20.06
CA THR C 221 -22.92 -5.75 -21.28
C THR C 221 -22.45 -6.59 -22.45
N ALA C 222 -21.17 -6.92 -22.45
CA ALA C 222 -20.60 -7.76 -23.50
C ALA C 222 -21.25 -9.14 -23.50
N LEU C 223 -21.36 -9.76 -22.33
CA LEU C 223 -21.98 -11.08 -22.25
C LEU C 223 -23.36 -11.06 -22.90
N GLN C 224 -24.01 -9.91 -22.82
CA GLN C 224 -25.33 -9.73 -23.38
C GLN C 224 -25.28 -9.56 -24.90
N MSE C 225 -24.19 -8.98 -25.41
CA MSE C 225 -24.06 -8.78 -26.84
C MSE C 225 -23.68 -10.07 -27.58
O MSE C 225 -23.95 -10.21 -28.77
CB MSE C 225 -23.01 -7.71 -27.13
CG MSE C 225 -23.33 -6.33 -26.58
SE MSE C 225 -24.96 -5.56 -27.33
CE MSE C 225 -24.56 -5.92 -29.21
N GLY C 226 -23.06 -11.01 -26.87
CA GLY C 226 -22.66 -12.27 -27.49
C GLY C 226 -21.20 -12.68 -27.30
N ILE C 227 -20.32 -11.74 -26.96
CA ILE C 227 -18.92 -12.07 -26.75
C ILE C 227 -18.84 -13.16 -25.71
N THR C 228 -17.94 -14.13 -25.89
CA THR C 228 -17.81 -15.23 -24.95
C THR C 228 -16.33 -15.49 -24.59
N VAL C 229 -15.47 -14.55 -24.97
CA VAL C 229 -14.06 -14.66 -24.70
C VAL C 229 -13.60 -13.45 -23.92
N PHE C 230 -13.04 -13.69 -22.75
CA PHE C 230 -12.60 -12.58 -21.94
C PHE C 230 -11.22 -12.83 -21.38
N ASP C 231 -10.40 -11.79 -21.42
CA ASP C 231 -9.04 -11.87 -20.92
C ASP C 231 -9.01 -11.42 -19.49
N GLY C 232 -8.20 -12.09 -18.68
CA GLY C 232 -8.08 -11.72 -17.27
C GLY C 232 -6.67 -11.87 -16.73
N SER C 233 -6.42 -11.34 -15.54
CA SER C 233 -5.11 -11.46 -14.93
C SER C 233 -5.26 -11.98 -13.52
N ALA C 234 -4.63 -13.09 -13.20
CA ALA C 234 -4.77 -13.65 -11.85
C ALA C 234 -4.39 -12.62 -10.79
N GLY C 235 -5.28 -12.42 -9.83
CA GLY C 235 -5.03 -11.46 -8.77
C GLY C 235 -5.19 -10.00 -9.16
N GLY C 236 -5.25 -9.76 -10.45
CA GLY C 236 -5.38 -8.39 -10.91
C GLY C 236 -4.01 -7.79 -11.14
N LEU C 237 -3.01 -8.65 -11.26
CA LEU C 237 -1.65 -8.20 -11.48
C LEU C 237 -1.59 -7.18 -12.58
N GLY C 238 -0.57 -6.34 -12.53
CA GLY C 238 -0.39 -5.32 -13.54
C GLY C 238 -1.12 -4.02 -13.26
N GLY C 239 -0.34 -2.98 -12.99
CA GLY C 239 -0.92 -1.68 -12.73
C GLY C 239 -1.05 -0.94 -14.04
N CYS C 240 -1.78 0.18 -14.02
CA CYS C 240 -1.96 0.97 -15.23
C CYS C 240 -0.85 2.02 -15.28
N PRO C 241 0.00 1.98 -16.34
CA PRO C 241 1.10 2.95 -16.46
C PRO C 241 0.59 4.39 -16.63
N TYR C 242 -0.62 4.52 -17.17
CA TYR C 242 -1.23 5.82 -17.38
C TYR C 242 -1.70 6.40 -16.05
N ALA C 243 -1.92 5.54 -15.06
CA ALA C 243 -2.36 5.96 -13.73
C ALA C 243 -1.77 5.03 -12.66
N PRO C 244 -0.56 5.33 -12.17
CA PRO C 244 0.10 4.51 -11.15
C PRO C 244 -0.64 4.43 -9.82
N GLY C 245 -0.60 3.26 -9.19
CA GLY C 245 -1.27 3.07 -7.93
C GLY C 245 -2.68 2.54 -8.09
N SER C 246 -3.12 2.39 -9.34
CA SER C 246 -4.46 1.86 -9.64
C SER C 246 -4.38 0.51 -10.37
N SER C 247 -5.36 -0.34 -10.10
CA SER C 247 -5.41 -1.67 -10.72
C SER C 247 -5.41 -1.64 -12.25
N GLY C 248 -5.00 -2.75 -12.86
CA GLY C 248 -4.96 -2.83 -14.32
C GLY C 248 -6.12 -3.63 -14.86
N ASN C 249 -5.83 -4.84 -15.32
CA ASN C 249 -6.88 -5.70 -15.86
C ASN C 249 -7.72 -6.32 -14.76
N ALA C 250 -8.90 -6.75 -15.14
CA ALA C 250 -9.82 -7.38 -14.19
C ALA C 250 -9.21 -8.65 -13.62
N ALA C 251 -9.43 -8.86 -12.33
CA ALA C 251 -8.92 -10.05 -11.66
C ALA C 251 -9.61 -11.30 -12.20
N THR C 252 -8.83 -12.20 -12.77
CA THR C 252 -9.35 -13.43 -13.31
C THR C 252 -10.35 -14.13 -12.38
N GLU C 253 -9.98 -14.30 -11.11
CA GLU C 253 -10.88 -14.95 -10.18
C GLU C 253 -12.20 -14.18 -10.06
N ASP C 254 -12.15 -12.85 -10.05
CA ASP C 254 -13.37 -12.06 -9.96
C ASP C 254 -14.24 -12.33 -11.15
N ILE C 255 -13.61 -12.48 -12.31
CA ILE C 255 -14.32 -12.77 -13.52
C ILE C 255 -14.91 -14.17 -13.47
N VAL C 256 -14.09 -15.13 -13.04
CA VAL C 256 -14.52 -16.52 -12.93
C VAL C 256 -15.66 -16.66 -11.93
N TYR C 257 -15.54 -15.96 -10.81
CA TYR C 257 -16.56 -16.05 -9.78
C TYR C 257 -17.91 -15.55 -10.23
N MSE C 258 -17.97 -14.31 -10.67
CA MSE C 258 -19.22 -13.75 -11.10
C MSE C 258 -19.88 -14.59 -12.17
O MSE C 258 -21.09 -14.78 -12.16
CB MSE C 258 -19.05 -12.36 -11.62
CG MSE C 258 -20.35 -11.74 -12.02
SE MSE C 258 -20.04 -10.12 -12.96
CE MSE C 258 -19.13 -10.85 -14.50
N LEU C 259 -19.07 -15.08 -13.10
CA LEU C 259 -19.62 -15.90 -14.16
C LEU C 259 -20.24 -17.18 -13.60
N GLU C 260 -19.61 -17.76 -12.58
CA GLU C 260 -20.13 -18.97 -11.99
C GLU C 260 -21.48 -18.75 -11.33
N GLN C 261 -21.59 -17.69 -10.55
CA GLN C 261 -22.84 -17.38 -9.88
C GLN C 261 -23.95 -17.18 -10.90
N MSE C 262 -23.57 -16.77 -12.11
CA MSE C 262 -24.56 -16.54 -13.16
C MSE C 262 -24.88 -17.82 -13.90
O MSE C 262 -25.61 -17.80 -14.89
CB MSE C 262 -24.03 -15.50 -14.15
CG MSE C 262 -23.96 -14.10 -13.58
SE MSE C 262 -23.21 -12.88 -14.89
CE MSE C 262 -24.74 -12.74 -16.08
N ASP C 263 -24.34 -18.93 -13.42
CA ASP C 263 -24.55 -20.25 -14.02
C ASP C 263 -23.96 -20.36 -15.42
N ILE C 264 -22.77 -19.80 -15.59
CA ILE C 264 -22.06 -19.81 -16.85
C ILE C 264 -20.77 -20.59 -16.60
N LYS C 265 -20.55 -21.65 -17.36
CA LYS C 265 -19.36 -22.46 -17.19
C LYS C 265 -18.08 -21.86 -17.76
N THR C 266 -17.02 -21.93 -16.97
CA THR C 266 -15.71 -21.43 -17.35
C THR C 266 -14.71 -22.55 -17.22
N ASN C 267 -15.16 -23.68 -16.68
CA ASN C 267 -14.31 -24.86 -16.49
C ASN C 267 -13.07 -24.52 -15.67
N VAL C 268 -13.13 -23.43 -14.93
CA VAL C 268 -12.01 -23.04 -14.10
C VAL C 268 -12.34 -23.31 -12.63
N LYS C 269 -11.48 -24.04 -11.96
CA LYS C 269 -11.71 -24.36 -10.56
C LYS C 269 -11.22 -23.18 -9.73
N LEU C 270 -12.11 -22.22 -9.53
CA LEU C 270 -11.84 -21.00 -8.77
C LEU C 270 -10.95 -21.22 -7.56
N GLU C 271 -11.30 -22.18 -6.72
CA GLU C 271 -10.53 -22.50 -5.53
C GLU C 271 -9.04 -22.51 -5.86
N LYS C 272 -8.67 -23.32 -6.85
CA LYS C 272 -7.29 -23.42 -7.25
C LYS C 272 -6.74 -22.07 -7.70
N LEU C 273 -7.51 -21.37 -8.53
CA LEU C 273 -7.09 -20.07 -9.02
C LEU C 273 -6.75 -19.15 -7.88
N LEU C 274 -7.70 -19.03 -6.95
CA LEU C 274 -7.52 -18.19 -5.78
C LEU C 274 -6.23 -18.53 -5.05
N SER C 275 -5.97 -19.82 -4.88
CA SER C 275 -4.76 -20.23 -4.21
C SER C 275 -3.55 -19.71 -4.99
N ALA C 276 -3.65 -19.77 -6.32
CA ALA C 276 -2.54 -19.31 -7.15
C ALA C 276 -2.37 -17.81 -7.05
N ALA C 277 -3.47 -17.09 -6.96
CA ALA C 277 -3.41 -15.63 -6.85
C ALA C 277 -2.67 -15.24 -5.57
N LYS C 278 -3.03 -15.89 -4.48
CA LYS C 278 -2.40 -15.62 -3.20
C LYS C 278 -0.90 -15.86 -3.26
N TRP C 279 -0.50 -16.91 -3.96
CA TRP C 279 0.90 -17.24 -4.09
C TRP C 279 1.73 -16.04 -4.55
N ILE C 280 1.50 -15.57 -5.78
CA ILE C 280 2.22 -14.43 -6.32
C ILE C 280 2.09 -13.20 -5.45
N GLU C 281 0.91 -13.01 -4.86
CA GLU C 281 0.72 -11.86 -4.02
C GLU C 281 1.79 -11.86 -2.95
N GLU C 282 2.10 -13.05 -2.44
CA GLU C 282 3.12 -13.19 -1.39
C GLU C 282 4.52 -12.96 -1.98
N LYS C 283 4.73 -13.42 -3.21
CA LYS C 283 6.01 -13.22 -3.85
C LYS C 283 6.12 -11.75 -4.24
N MSE C 284 4.99 -11.08 -4.31
CA MSE C 284 4.96 -9.67 -4.68
C MSE C 284 5.15 -8.79 -3.45
O MSE C 284 5.51 -7.62 -3.57
CB MSE C 284 3.62 -9.33 -5.34
CG MSE C 284 3.67 -8.18 -6.34
SE MSE C 284 4.19 -8.79 -8.12
CE MSE C 284 6.13 -8.77 -7.85
N GLY C 285 4.89 -9.36 -2.28
CA GLY C 285 5.04 -8.61 -1.06
C GLY C 285 4.11 -7.41 -1.04
N LYS C 286 3.20 -7.36 -2.01
CA LYS C 286 2.25 -6.28 -2.12
C LYS C 286 0.87 -6.87 -2.31
N PRO C 287 -0.17 -6.24 -1.77
CA PRO C 287 -1.52 -6.78 -1.94
C PRO C 287 -2.07 -6.54 -3.34
N LEU C 288 -2.76 -7.53 -3.88
CA LEU C 288 -3.35 -7.40 -5.20
C LEU C 288 -4.77 -6.88 -5.07
N PRO C 289 -5.24 -6.14 -6.08
CA PRO C 289 -6.60 -5.58 -6.12
C PRO C 289 -7.78 -6.56 -6.12
N SER C 290 -7.51 -7.81 -6.47
CA SER C 290 -8.55 -8.84 -6.51
C SER C 290 -9.45 -8.84 -5.27
N ARG C 291 -10.76 -8.78 -5.50
CA ARG C 291 -11.71 -8.79 -4.40
C ARG C 291 -11.86 -10.18 -3.81
N ASN C 292 -12.05 -11.18 -4.65
CA ASN C 292 -12.20 -12.53 -4.13
C ASN C 292 -10.95 -13.02 -3.45
N LEU C 293 -9.80 -12.53 -3.88
CA LEU C 293 -8.58 -12.98 -3.24
C LEU C 293 -8.64 -12.56 -1.77
N GLN C 294 -9.14 -11.36 -1.51
CA GLN C 294 -9.23 -10.89 -0.13
C GLN C 294 -10.17 -11.78 0.66
N VAL C 295 -11.32 -12.07 0.07
CA VAL C 295 -12.29 -12.93 0.72
C VAL C 295 -11.66 -14.29 0.97
N PHE C 296 -10.89 -14.78 0.01
CA PHE C 296 -10.25 -16.07 0.13
C PHE C 296 -9.35 -16.10 1.34
N LYS C 297 -8.57 -15.04 1.51
CA LYS C 297 -7.67 -14.94 2.65
C LYS C 297 -8.48 -14.84 3.94
N SER C 298 -9.80 -15.05 3.80
CA SER C 298 -10.74 -14.98 4.92
C SER C 298 -10.46 -13.77 5.80
N MSE D 1 -36.23 -0.40 -21.88
CA MSE D 1 -34.96 -0.78 -22.55
C MSE D 1 -33.86 0.25 -22.32
O MSE D 1 -32.83 -0.07 -21.73
CB MSE D 1 -35.17 -0.93 -24.07
CG MSE D 1 -33.88 -1.19 -24.82
SE MSE D 1 -33.16 -2.94 -24.39
CE MSE D 1 -31.97 -2.54 -22.92
N PRO D 2 -34.05 1.49 -22.80
CA PRO D 2 -33.04 2.54 -22.62
C PRO D 2 -32.84 2.91 -21.16
N TYR D 3 -31.58 3.07 -20.75
CA TYR D 3 -31.25 3.43 -19.38
C TYR D 3 -31.96 4.72 -18.98
N PRO D 4 -32.42 4.80 -17.72
CA PRO D 4 -33.13 5.98 -17.20
C PRO D 4 -32.31 7.25 -17.33
N LYS D 5 -32.99 8.39 -17.34
CA LYS D 5 -32.32 9.68 -17.46
C LYS D 5 -31.73 10.18 -16.15
N LYS D 6 -32.42 9.88 -15.06
CA LYS D 6 -31.95 10.31 -13.75
C LYS D 6 -32.10 9.21 -12.70
N VAL D 7 -31.12 9.11 -11.82
CA VAL D 7 -31.13 8.09 -10.79
C VAL D 7 -30.65 8.68 -9.48
N THR D 8 -31.47 8.51 -8.46
CA THR D 8 -31.12 9.01 -7.14
C THR D 8 -30.32 7.99 -6.34
N ILE D 9 -29.15 8.44 -5.87
CA ILE D 9 -28.28 7.61 -5.06
C ILE D 9 -28.28 8.11 -3.62
N LYS D 10 -28.35 7.18 -2.67
CA LYS D 10 -28.38 7.53 -1.25
C LYS D 10 -27.09 7.17 -0.51
N GLU D 11 -26.51 8.14 0.17
CA GLU D 11 -25.27 7.95 0.92
C GLU D 11 -25.55 7.33 2.27
N VAL D 12 -24.85 6.25 2.61
CA VAL D 12 -25.04 5.61 3.92
C VAL D 12 -23.71 5.36 4.62
N GLY D 13 -22.67 6.07 4.17
CA GLY D 13 -21.35 5.93 4.74
C GLY D 13 -21.23 6.35 6.18
N PRO D 14 -21.74 7.54 6.54
CA PRO D 14 -21.62 7.95 7.94
C PRO D 14 -22.32 6.97 8.88
N ARG D 15 -23.10 6.06 8.33
CA ARG D 15 -23.77 5.12 9.19
C ARG D 15 -23.30 3.70 8.96
N ASP D 16 -23.77 3.06 7.90
CA ASP D 16 -23.38 1.68 7.59
C ASP D 16 -21.87 1.58 7.40
N GLY D 17 -21.25 2.69 7.02
CA GLY D 17 -19.82 2.66 6.81
C GLY D 17 -19.04 2.79 8.10
N LEU D 18 -19.33 3.82 8.88
CA LEU D 18 -18.62 4.00 10.13
C LEU D 18 -18.84 2.91 11.15
N GLN D 19 -20.05 2.37 11.25
CA GLN D 19 -20.31 1.32 12.24
C GLN D 19 -19.65 0.00 11.85
N ASN D 20 -19.12 -0.04 10.63
CA ASN D 20 -18.47 -1.25 10.14
C ASN D 20 -16.95 -1.10 10.09
N GLU D 21 -16.46 -0.01 10.66
CA GLU D 21 -15.01 0.20 10.69
C GLU D 21 -14.48 0.06 12.12
N PRO D 22 -13.45 -0.77 12.30
CA PRO D 22 -12.86 -1.00 13.62
C PRO D 22 -12.02 0.18 14.10
N VAL D 23 -12.54 1.39 13.87
CA VAL D 23 -11.84 2.60 14.27
C VAL D 23 -12.84 3.66 14.69
N TRP D 24 -12.58 4.35 15.79
CA TRP D 24 -13.50 5.38 16.24
C TRP D 24 -13.15 6.76 15.68
N ILE D 25 -14.11 7.36 14.98
CA ILE D 25 -13.92 8.67 14.40
C ILE D 25 -14.44 9.67 15.41
N ALA D 26 -13.60 10.63 15.78
CA ALA D 26 -13.99 11.65 16.75
C ALA D 26 -15.36 12.19 16.37
N THR D 27 -16.22 12.31 17.37
CA THR D 27 -17.55 12.82 17.17
C THR D 27 -17.53 14.09 16.30
N GLU D 28 -16.59 14.99 16.56
CA GLU D 28 -16.52 16.22 15.78
C GLU D 28 -16.23 15.94 14.31
N ASP D 29 -15.16 15.20 14.06
CA ASP D 29 -14.76 14.84 12.69
C ASP D 29 -15.95 14.29 11.91
N LYS D 30 -16.78 13.48 12.56
CA LYS D 30 -17.94 12.94 11.87
C LYS D 30 -18.71 14.10 11.27
N ILE D 31 -19.04 15.07 12.12
CA ILE D 31 -19.77 16.24 11.67
C ILE D 31 -19.05 16.93 10.52
N THR D 32 -17.76 17.20 10.71
CA THR D 32 -16.98 17.87 9.68
C THR D 32 -17.08 17.17 8.34
N TRP D 33 -17.09 15.84 8.37
CA TRP D 33 -17.16 15.02 7.14
C TRP D 33 -18.56 14.99 6.53
N ILE D 34 -19.58 14.94 7.39
CA ILE D 34 -20.97 14.91 6.95
C ILE D 34 -21.33 16.26 6.37
N ASN D 35 -20.63 17.30 6.83
CA ASN D 35 -20.88 18.65 6.32
C ASN D 35 -20.46 18.68 4.85
N GLN D 36 -19.26 18.18 4.58
CA GLN D 36 -18.74 18.11 3.23
C GLN D 36 -19.80 17.40 2.40
N LEU D 37 -20.17 16.21 2.82
CA LEU D 37 -21.17 15.43 2.09
C LEU D 37 -22.42 16.24 1.79
N SER D 38 -22.99 16.89 2.81
CA SER D 38 -24.21 17.68 2.63
C SER D 38 -24.09 18.62 1.42
N ARG D 39 -22.96 19.30 1.29
CA ARG D 39 -22.80 20.19 0.18
C ARG D 39 -21.98 19.52 -0.91
N THR D 40 -22.40 18.32 -1.28
CA THR D 40 -21.69 17.58 -2.30
C THR D 40 -22.61 17.41 -3.51
N GLY D 41 -23.90 17.46 -3.27
CA GLY D 41 -24.85 17.30 -4.36
C GLY D 41 -25.80 16.20 -3.98
N LEU D 42 -25.35 15.32 -3.09
CA LEU D 42 -26.20 14.23 -2.63
C LEU D 42 -27.45 14.85 -2.03
N SER D 43 -28.58 14.14 -2.12
CA SER D 43 -29.84 14.64 -1.59
C SER D 43 -30.38 13.76 -0.48
N TYR D 44 -29.56 12.84 0.00
CA TYR D 44 -29.99 11.91 1.06
C TYR D 44 -28.76 11.38 1.77
N ILE D 45 -28.79 11.41 3.10
CA ILE D 45 -27.65 10.96 3.87
C ILE D 45 -28.05 10.38 5.22
N GLU D 46 -27.74 9.12 5.47
CA GLU D 46 -28.04 8.55 6.78
C GLU D 46 -26.93 9.01 7.71
N ILE D 47 -27.18 10.11 8.41
CA ILE D 47 -26.18 10.65 9.31
C ILE D 47 -25.71 9.71 10.42
N THR D 48 -26.61 8.86 10.92
CA THR D 48 -26.26 7.94 11.99
C THR D 48 -27.32 6.90 12.31
N SER D 49 -27.06 6.11 13.34
CA SER D 49 -27.97 5.07 13.78
C SER D 49 -28.37 5.28 15.23
N PHE D 50 -29.65 5.10 15.53
CA PHE D 50 -30.09 5.25 16.91
C PHE D 50 -30.27 3.93 17.63
N VAL D 51 -29.48 2.94 17.25
CA VAL D 51 -29.53 1.64 17.91
C VAL D 51 -28.78 1.87 19.22
N HIS D 52 -29.12 1.13 20.27
CA HIS D 52 -28.45 1.31 21.56
C HIS D 52 -26.91 1.31 21.43
N PRO D 53 -26.24 2.39 21.88
CA PRO D 53 -24.79 2.52 21.81
C PRO D 53 -23.99 1.29 22.21
N LYS D 54 -24.60 0.41 23.01
CA LYS D 54 -23.95 -0.83 23.47
C LYS D 54 -23.58 -1.74 22.31
N TRP D 55 -24.43 -1.77 21.29
CA TRP D 55 -24.17 -2.62 20.14
C TRP D 55 -23.38 -1.90 19.04
N ILE D 56 -23.49 -0.58 18.99
CA ILE D 56 -22.80 0.19 17.97
C ILE D 56 -21.94 1.27 18.58
N PRO D 57 -20.96 0.88 19.39
CA PRO D 57 -20.06 1.82 20.06
C PRO D 57 -19.39 2.82 19.12
N ALA D 58 -19.25 2.47 17.85
CA ALA D 58 -18.63 3.37 16.87
C ALA D 58 -19.55 4.56 16.57
N LEU D 59 -20.82 4.42 16.88
CA LEU D 59 -21.77 5.48 16.64
C LEU D 59 -22.55 5.81 17.90
N ARG D 60 -21.85 5.89 19.04
CA ARG D 60 -22.51 6.20 20.30
C ARG D 60 -22.89 7.67 20.36
N ASP D 61 -22.31 8.45 19.45
CA ASP D 61 -22.59 9.89 19.41
C ASP D 61 -23.69 10.25 18.43
N ALA D 62 -24.62 9.33 18.22
CA ALA D 62 -25.72 9.57 17.29
C ALA D 62 -26.46 10.88 17.58
N ILE D 63 -27.01 11.00 18.77
CA ILE D 63 -27.76 12.18 19.14
C ILE D 63 -26.95 13.47 19.01
N ASP D 64 -25.66 13.38 19.34
CA ASP D 64 -24.77 14.53 19.26
C ASP D 64 -24.51 14.93 17.80
N VAL D 65 -24.21 13.96 16.94
CA VAL D 65 -23.95 14.25 15.54
C VAL D 65 -25.22 14.73 14.85
N ALA D 66 -26.35 14.16 15.24
CA ALA D 66 -27.64 14.52 14.64
C ALA D 66 -27.98 16.01 14.83
N LYS D 67 -27.35 16.65 15.82
CA LYS D 67 -27.59 18.06 16.09
C LYS D 67 -26.38 18.92 15.71
N GLY D 68 -25.30 18.25 15.32
CA GLY D 68 -24.10 18.98 14.95
C GLY D 68 -23.98 19.33 13.47
N ILE D 69 -24.46 18.44 12.61
CA ILE D 69 -24.39 18.66 11.18
C ILE D 69 -24.95 20.02 10.74
N ASP D 70 -24.53 20.47 9.56
CA ASP D 70 -24.99 21.75 9.04
C ASP D 70 -26.44 21.66 8.57
N ARG D 71 -26.81 20.53 7.99
CA ARG D 71 -28.17 20.35 7.52
C ARG D 71 -28.51 21.35 6.41
N GLU D 72 -28.27 20.93 5.18
CA GLU D 72 -28.53 21.74 3.99
C GLU D 72 -29.93 21.51 3.45
N LYS D 73 -30.40 22.46 2.63
CA LYS D 73 -31.73 22.39 2.04
C LYS D 73 -31.75 21.45 0.85
N GLY D 74 -32.88 20.76 0.70
CA GLY D 74 -33.02 19.81 -0.38
C GLY D 74 -32.34 18.49 -0.04
N VAL D 75 -31.76 18.42 1.15
CA VAL D 75 -31.09 17.23 1.61
C VAL D 75 -31.95 16.50 2.62
N THR D 76 -32.12 15.20 2.42
CA THR D 76 -32.91 14.41 3.34
C THR D 76 -31.97 13.69 4.32
N TYR D 77 -31.97 14.10 5.59
CA TYR D 77 -31.13 13.45 6.59
C TYR D 77 -31.90 12.36 7.31
N ALA D 78 -31.44 11.13 7.13
CA ALA D 78 -32.09 9.97 7.74
C ALA D 78 -31.20 9.28 8.76
N ALA D 79 -31.82 8.44 9.56
CA ALA D 79 -31.12 7.70 10.58
C ALA D 79 -31.78 6.36 10.77
N LEU D 80 -31.00 5.37 11.16
CA LEU D 80 -31.51 4.05 11.40
C LEU D 80 -32.29 4.06 12.72
N VAL D 81 -33.50 3.54 12.74
CA VAL D 81 -34.30 3.50 13.95
C VAL D 81 -34.72 2.07 14.27
N PRO D 82 -34.21 1.52 15.37
CA PRO D 82 -34.49 0.16 15.80
C PRO D 82 -35.87 -0.06 16.37
N ASN D 83 -36.42 0.95 17.03
CA ASN D 83 -37.76 0.83 17.63
C ASN D 83 -38.26 2.15 18.22
N GLN D 84 -39.47 2.13 18.75
CA GLN D 84 -40.09 3.35 19.30
C GLN D 84 -39.15 4.20 20.15
N ARG D 85 -38.47 3.55 21.10
CA ARG D 85 -37.52 4.21 21.98
C ARG D 85 -36.46 4.93 21.16
N GLY D 86 -36.07 4.32 20.04
CA GLY D 86 -35.08 4.92 19.18
C GLY D 86 -35.70 6.05 18.38
N LEU D 87 -36.93 5.83 17.92
CA LEU D 87 -37.62 6.84 17.13
C LEU D 87 -37.73 8.11 17.95
N GLU D 88 -37.85 7.93 19.26
CA GLU D 88 -37.94 9.06 20.17
C GLU D 88 -36.69 9.91 20.05
N ASN D 89 -35.54 9.30 20.26
CA ASN D 89 -34.27 10.01 20.17
C ASN D 89 -34.08 10.62 18.79
N ALA D 90 -34.44 9.87 17.76
CA ALA D 90 -34.30 10.35 16.38
C ALA D 90 -35.11 11.62 16.20
N LEU D 91 -36.29 11.64 16.82
CA LEU D 91 -37.16 12.80 16.73
C LEU D 91 -36.49 14.02 17.31
N GLU D 92 -35.77 13.82 18.42
CA GLU D 92 -35.08 14.93 19.04
C GLU D 92 -33.88 15.36 18.21
N GLY D 93 -33.30 14.41 17.47
CA GLY D 93 -32.14 14.72 16.66
C GLY D 93 -32.50 15.54 15.44
N GLY D 94 -33.77 15.48 15.06
CA GLY D 94 -34.24 16.24 13.90
C GLY D 94 -34.26 15.47 12.59
N ILE D 95 -33.98 14.17 12.66
CA ILE D 95 -33.97 13.32 11.49
C ILE D 95 -35.24 13.48 10.66
N ASN D 96 -35.06 13.64 9.36
CA ASN D 96 -36.20 13.81 8.47
C ASN D 96 -36.83 12.46 8.18
N GLU D 97 -35.99 11.46 7.90
CA GLU D 97 -36.51 10.13 7.60
C GLU D 97 -35.94 9.04 8.47
N ALA D 98 -36.83 8.14 8.88
CA ALA D 98 -36.43 7.04 9.72
C ALA D 98 -36.38 5.77 8.88
N CYS D 99 -35.34 4.96 9.08
CA CYS D 99 -35.22 3.75 8.30
C CYS D 99 -35.30 2.54 9.21
N VAL D 100 -36.39 1.80 9.14
CA VAL D 100 -36.48 0.61 9.96
C VAL D 100 -35.71 -0.48 9.24
N PHE D 101 -35.54 -1.63 9.86
CA PHE D 101 -34.80 -2.71 9.23
C PHE D 101 -35.10 -4.07 9.81
N MSE D 102 -34.83 -5.10 9.01
CA MSE D 102 -35.01 -6.48 9.44
C MSE D 102 -34.43 -7.37 8.37
O MSE D 102 -34.08 -6.92 7.29
CB MSE D 102 -36.49 -6.81 9.64
CG MSE D 102 -37.30 -6.88 8.36
SE MSE D 102 -39.12 -7.50 8.67
CE MSE D 102 -38.76 -9.38 8.89
N SER D 103 -34.32 -8.65 8.69
CA SER D 103 -33.76 -9.59 7.73
C SER D 103 -34.82 -10.49 7.12
N ALA D 104 -34.59 -10.85 5.87
CA ALA D 104 -35.50 -11.73 5.15
C ALA D 104 -35.31 -13.14 5.68
N SER D 105 -34.06 -13.45 6.02
CA SER D 105 -33.69 -14.74 6.56
C SER D 105 -34.03 -14.79 8.05
N GLU D 106 -34.70 -15.86 8.48
CA GLU D 106 -35.08 -16.01 9.89
C GLU D 106 -33.81 -16.09 10.73
N THR D 107 -32.90 -16.98 10.34
CA THR D 107 -31.66 -17.18 11.08
C THR D 107 -30.86 -15.89 11.23
N HIS D 108 -30.72 -15.16 10.14
CA HIS D 108 -29.96 -13.92 10.18
C HIS D 108 -30.65 -12.92 11.09
N ASN D 109 -31.96 -12.80 10.95
CA ASN D 109 -32.73 -11.85 11.73
C ASN D 109 -32.59 -12.19 13.22
N ARG D 110 -32.96 -13.41 13.56
CA ARG D 110 -32.86 -13.86 14.95
C ARG D 110 -31.44 -13.74 15.48
N LYS D 111 -30.44 -13.82 14.60
CA LYS D 111 -29.06 -13.72 15.06
C LYS D 111 -28.48 -12.38 14.60
N ASN D 112 -29.11 -11.30 15.03
CA ASN D 112 -28.67 -9.98 14.65
C ASN D 112 -29.39 -8.95 15.52
N ILE D 113 -30.70 -9.11 15.60
CA ILE D 113 -31.52 -8.23 16.42
C ILE D 113 -32.37 -9.09 17.35
N ASN D 114 -32.08 -10.39 17.32
CA ASN D 114 -32.75 -11.39 18.14
C ASN D 114 -34.27 -11.25 18.22
N LYS D 115 -34.94 -11.61 17.13
CA LYS D 115 -36.39 -11.55 17.01
C LYS D 115 -36.80 -12.24 15.72
N SER D 116 -37.86 -13.03 15.77
CA SER D 116 -38.34 -13.72 14.59
C SER D 116 -38.82 -12.70 13.57
N THR D 117 -38.86 -13.12 12.30
CA THR D 117 -39.31 -12.24 11.24
C THR D 117 -40.66 -11.62 11.60
N SER D 118 -41.54 -12.43 12.18
CA SER D 118 -42.87 -11.95 12.58
C SER D 118 -42.77 -10.87 13.65
N GLU D 119 -42.01 -11.16 14.69
CA GLU D 119 -41.81 -10.23 15.80
C GLU D 119 -41.28 -8.91 15.26
N SER D 120 -40.23 -8.98 14.46
CA SER D 120 -39.67 -7.76 13.90
C SER D 120 -40.74 -7.07 13.07
N LEU D 121 -41.40 -7.85 12.22
CA LEU D 121 -42.44 -7.29 11.38
C LEU D 121 -43.38 -6.48 12.25
N HIS D 122 -43.77 -7.07 13.37
CA HIS D 122 -44.68 -6.41 14.29
C HIS D 122 -44.07 -5.11 14.82
N ILE D 123 -42.76 -5.12 15.09
CA ILE D 123 -42.09 -3.95 15.60
C ILE D 123 -42.16 -2.83 14.58
N LEU D 124 -41.57 -3.08 13.42
CA LEU D 124 -41.53 -2.12 12.34
C LEU D 124 -42.93 -1.58 12.06
N LYS D 125 -43.90 -2.47 12.08
CA LYS D 125 -45.29 -2.09 11.84
C LYS D 125 -45.61 -0.85 12.67
N GLN D 126 -45.52 -0.99 13.99
CA GLN D 126 -45.86 0.14 14.84
C GLN D 126 -44.76 1.20 14.80
N VAL D 127 -43.51 0.79 14.67
CA VAL D 127 -42.45 1.78 14.61
C VAL D 127 -42.65 2.74 13.43
N ASN D 128 -43.21 2.21 12.35
CA ASN D 128 -43.47 3.00 11.16
C ASN D 128 -44.67 3.92 11.40
N ASN D 129 -45.71 3.36 12.00
CA ASN D 129 -46.94 4.09 12.31
C ASN D 129 -46.65 5.36 13.12
N ASP D 130 -45.87 5.23 14.19
CA ASP D 130 -45.54 6.36 15.04
C ASP D 130 -44.65 7.35 14.31
N ALA D 131 -43.76 6.83 13.48
CA ALA D 131 -42.85 7.68 12.73
C ALA D 131 -43.64 8.63 11.83
N GLN D 132 -44.48 8.05 10.97
CA GLN D 132 -45.27 8.84 10.03
C GLN D 132 -46.17 9.80 10.78
N LYS D 133 -46.77 9.31 11.87
CA LYS D 133 -47.66 10.11 12.69
C LYS D 133 -46.93 11.36 13.21
N ALA D 134 -45.61 11.31 13.18
CA ALA D 134 -44.81 12.44 13.61
C ALA D 134 -44.36 13.29 12.42
N ASN D 135 -44.99 13.05 11.26
CA ASN D 135 -44.66 13.75 10.02
C ASN D 135 -43.24 13.43 9.58
N LEU D 136 -42.90 12.14 9.62
CA LEU D 136 -41.58 11.65 9.27
C LEU D 136 -41.68 10.59 8.18
N THR D 137 -40.90 10.76 7.11
CA THR D 137 -40.94 9.78 6.03
C THR D 137 -40.21 8.53 6.47
N THR D 138 -40.77 7.38 6.11
CA THR D 138 -40.14 6.13 6.50
C THR D 138 -39.59 5.34 5.32
N ARG D 139 -38.59 4.51 5.62
CA ARG D 139 -37.95 3.68 4.63
C ARG D 139 -37.58 2.37 5.33
N ALA D 140 -37.74 1.25 4.62
CA ALA D 140 -37.41 -0.06 5.18
C ALA D 140 -36.13 -0.63 4.55
N TYR D 141 -35.36 -1.35 5.35
CA TYR D 141 -34.11 -1.95 4.93
C TYR D 141 -34.22 -3.45 5.07
N LEU D 142 -34.65 -4.12 4.00
CA LEU D 142 -34.76 -5.57 4.08
C LEU D 142 -33.40 -6.13 3.71
N SER D 143 -32.78 -6.87 4.61
CA SER D 143 -31.47 -7.42 4.31
C SER D 143 -31.52 -8.91 3.98
N THR D 144 -30.37 -9.43 3.53
CA THR D 144 -30.18 -10.82 3.17
C THR D 144 -31.20 -11.30 2.14
N VAL D 145 -31.55 -10.43 1.20
CA VAL D 145 -32.53 -10.79 0.17
C VAL D 145 -31.90 -11.58 -0.98
N PHE D 146 -30.58 -11.50 -1.10
CA PHE D 146 -29.88 -12.23 -2.16
C PHE D 146 -29.01 -13.33 -1.57
N GLY D 147 -29.46 -13.96 -0.49
CA GLY D 147 -28.67 -15.01 0.11
C GLY D 147 -28.30 -14.67 1.52
N CYS D 148 -28.24 -15.70 2.37
CA CYS D 148 -27.92 -15.54 3.79
C CYS D 148 -26.58 -16.17 4.15
N PRO D 149 -25.85 -15.57 5.09
CA PRO D 149 -24.55 -16.14 5.48
C PRO D 149 -24.75 -17.42 6.28
N TYR D 150 -25.96 -17.61 6.79
CA TYR D 150 -26.30 -18.78 7.58
C TYR D 150 -27.17 -19.76 6.80
N GLU D 151 -28.31 -19.27 6.32
CA GLU D 151 -29.23 -20.11 5.56
C GLU D 151 -28.80 -20.28 4.10
N LYS D 152 -27.74 -19.55 3.73
CA LYS D 152 -27.20 -19.59 2.38
C LYS D 152 -28.24 -19.16 1.35
N ASP D 153 -29.10 -20.08 0.96
CA ASP D 153 -30.12 -19.76 -0.04
C ASP D 153 -31.35 -19.14 0.60
N VAL D 154 -31.98 -18.19 -0.09
CA VAL D 154 -33.18 -17.54 0.43
C VAL D 154 -34.24 -17.53 -0.65
N PRO D 155 -35.38 -18.20 -0.40
CA PRO D 155 -36.48 -18.25 -1.37
C PRO D 155 -37.07 -16.89 -1.71
N ILE D 156 -37.48 -16.73 -2.97
CA ILE D 156 -38.04 -15.47 -3.43
C ILE D 156 -39.39 -15.16 -2.78
N GLU D 157 -40.17 -16.21 -2.48
CA GLU D 157 -41.49 -16.07 -1.84
C GLU D 157 -41.40 -15.35 -0.50
N GLN D 158 -40.27 -15.53 0.17
CA GLN D 158 -40.02 -14.92 1.46
C GLN D 158 -39.95 -13.41 1.27
N VAL D 159 -39.09 -12.99 0.34
CA VAL D 159 -38.92 -11.58 0.06
C VAL D 159 -40.24 -10.93 -0.30
N ILE D 160 -40.95 -11.56 -1.21
CA ILE D 160 -42.24 -11.08 -1.66
C ILE D 160 -43.18 -10.93 -0.47
N ARG D 161 -43.29 -12.02 0.29
CA ARG D 161 -44.14 -12.07 1.48
C ARG D 161 -43.87 -10.83 2.33
N LEU D 162 -42.66 -10.76 2.88
CA LEU D 162 -42.25 -9.64 3.73
C LEU D 162 -42.45 -8.30 3.04
N SER D 163 -41.95 -8.19 1.82
CA SER D 163 -42.08 -6.96 1.04
C SER D 163 -43.54 -6.50 0.99
N GLU D 164 -44.46 -7.44 0.85
CA GLU D 164 -45.88 -7.09 0.81
C GLU D 164 -46.30 -6.50 2.14
N ALA D 165 -45.87 -7.14 3.21
CA ALA D 165 -46.18 -6.65 4.53
C ALA D 165 -45.60 -5.26 4.69
N LEU D 166 -44.28 -5.14 4.50
CA LEU D 166 -43.64 -3.84 4.63
C LEU D 166 -44.39 -2.73 3.91
N PHE D 167 -44.72 -2.97 2.66
CA PHE D 167 -45.42 -1.95 1.92
C PHE D 167 -46.81 -1.69 2.47
N GLU D 168 -47.44 -2.76 2.98
CA GLU D 168 -48.80 -2.69 3.56
C GLU D 168 -48.82 -1.76 4.78
N PHE D 169 -47.70 -1.68 5.49
CA PHE D 169 -47.58 -0.83 6.68
C PHE D 169 -47.64 0.66 6.32
N GLY D 170 -47.15 1.01 5.13
CA GLY D 170 -47.19 2.40 4.72
C GLY D 170 -45.82 2.97 4.43
N ILE D 171 -44.81 2.11 4.41
CA ILE D 171 -43.45 2.57 4.13
C ILE D 171 -43.40 3.25 2.77
N SER D 172 -42.39 4.06 2.54
CA SER D 172 -42.29 4.77 1.27
C SER D 172 -41.31 4.14 0.27
N GLU D 173 -40.31 3.42 0.79
CA GLU D 173 -39.31 2.79 -0.05
C GLU D 173 -38.75 1.55 0.61
N LEU D 174 -38.66 0.47 -0.15
CA LEU D 174 -38.12 -0.76 0.42
C LEU D 174 -36.74 -0.98 -0.18
N SER D 175 -35.70 -0.82 0.64
CA SER D 175 -34.34 -1.02 0.17
C SER D 175 -33.86 -2.47 0.35
N LEU D 176 -33.75 -3.19 -0.76
CA LEU D 176 -33.29 -4.59 -0.77
C LEU D 176 -31.79 -4.61 -0.76
N GLY D 177 -31.19 -5.42 0.11
CA GLY D 177 -29.75 -5.45 0.16
C GLY D 177 -29.08 -6.79 -0.01
N ASP D 178 -27.82 -6.72 -0.44
CA ASP D 178 -26.97 -7.88 -0.65
C ASP D 178 -26.00 -7.90 0.52
N THR D 179 -26.43 -8.46 1.63
CA THR D 179 -25.59 -8.51 2.80
C THR D 179 -24.27 -9.22 2.56
N ILE D 180 -24.31 -10.54 2.36
CA ILE D 180 -23.09 -11.29 2.15
C ILE D 180 -22.30 -10.77 0.96
N GLY D 181 -23.03 -10.21 -0.01
CA GLY D 181 -22.38 -9.68 -1.21
C GLY D 181 -22.21 -10.74 -2.28
N ALA D 182 -23.10 -11.73 -2.31
CA ALA D 182 -22.99 -12.80 -3.30
C ALA D 182 -24.14 -12.80 -4.29
N ALA D 183 -24.37 -11.67 -4.95
CA ALA D 183 -25.42 -11.53 -5.94
C ALA D 183 -24.77 -11.33 -7.31
N ASN D 184 -25.37 -11.87 -8.34
CA ASN D 184 -24.84 -11.72 -9.68
C ASN D 184 -25.92 -11.12 -10.55
N PRO D 185 -25.54 -10.50 -11.66
CA PRO D 185 -26.47 -9.87 -12.59
C PRO D 185 -27.63 -10.79 -12.98
N ALA D 186 -27.39 -12.09 -12.94
CA ALA D 186 -28.44 -13.04 -13.31
C ALA D 186 -29.44 -13.14 -12.20
N GLN D 187 -28.96 -13.19 -10.98
CA GLN D 187 -29.82 -13.30 -9.80
C GLN D 187 -30.64 -12.04 -9.59
N VAL D 188 -30.00 -10.89 -9.74
CA VAL D 188 -30.70 -9.63 -9.54
C VAL D 188 -31.75 -9.43 -10.60
N GLU D 189 -31.63 -10.15 -11.70
CA GLU D 189 -32.60 -10.00 -12.77
C GLU D 189 -33.85 -10.82 -12.47
N THR D 190 -33.65 -12.08 -12.07
CA THR D 190 -34.79 -12.93 -11.77
C THR D 190 -35.49 -12.39 -10.53
N VAL D 191 -34.70 -11.95 -9.55
CA VAL D 191 -35.28 -11.42 -8.34
C VAL D 191 -36.10 -10.16 -8.62
N LEU D 192 -35.47 -9.15 -9.24
CA LEU D 192 -36.21 -7.93 -9.54
C LEU D 192 -37.37 -8.19 -10.48
N GLU D 193 -37.29 -9.29 -11.23
CA GLU D 193 -38.34 -9.66 -12.17
C GLU D 193 -39.60 -10.03 -11.40
N ALA D 194 -39.42 -10.84 -10.36
CA ALA D 194 -40.52 -11.30 -9.52
C ALA D 194 -41.05 -10.21 -8.60
N LEU D 195 -40.17 -9.31 -8.18
CA LEU D 195 -40.57 -8.22 -7.30
C LEU D 195 -41.23 -7.09 -8.09
N LEU D 196 -40.54 -6.58 -9.12
CA LEU D 196 -41.09 -5.48 -9.91
C LEU D 196 -42.49 -5.76 -10.47
N ALA D 197 -42.83 -7.05 -10.52
CA ALA D 197 -44.14 -7.45 -11.03
C ALA D 197 -45.21 -7.43 -9.93
N ARG D 198 -45.00 -6.64 -8.88
CA ARG D 198 -45.97 -6.58 -7.79
C ARG D 198 -45.91 -5.26 -7.04
N PHE D 199 -44.74 -4.64 -7.07
CA PHE D 199 -44.55 -3.37 -6.37
C PHE D 199 -43.99 -2.39 -7.39
N PRO D 200 -44.28 -1.10 -7.20
CA PRO D 200 -43.80 -0.06 -8.11
C PRO D 200 -42.28 0.11 -8.04
N ALA D 201 -41.63 0.05 -9.20
CA ALA D 201 -40.18 0.16 -9.23
C ALA D 201 -39.68 1.42 -8.54
N ASN D 202 -40.46 2.50 -8.57
CA ASN D 202 -40.06 3.76 -7.94
C ASN D 202 -39.90 3.65 -6.42
N GLN D 203 -40.57 2.66 -5.84
CA GLN D 203 -40.48 2.49 -4.41
C GLN D 203 -39.54 1.38 -3.99
N ILE D 204 -38.60 1.06 -4.87
CA ILE D 204 -37.63 0.01 -4.55
C ILE D 204 -36.19 0.48 -4.76
N ALA D 205 -35.37 0.33 -3.72
CA ALA D 205 -33.97 0.73 -3.79
C ALA D 205 -33.07 -0.49 -3.63
N LEU D 206 -31.82 -0.34 -4.06
CA LEU D 206 -30.88 -1.44 -3.96
C LEU D 206 -29.61 -1.06 -3.22
N HIS D 207 -29.21 -1.93 -2.30
CA HIS D 207 -28.02 -1.74 -1.50
C HIS D 207 -27.11 -2.91 -1.77
N PHE D 208 -26.20 -2.75 -2.72
CA PHE D 208 -25.26 -3.82 -3.05
C PHE D 208 -23.93 -3.70 -2.31
N HIS D 209 -23.34 -4.86 -2.03
CA HIS D 209 -22.04 -4.92 -1.35
C HIS D 209 -21.06 -5.55 -2.35
N ASP D 210 -20.03 -4.84 -2.79
CA ASP D 210 -19.14 -5.49 -3.74
C ASP D 210 -18.01 -6.23 -3.06
N THR D 211 -18.38 -7.05 -2.10
CA THR D 211 -17.41 -7.88 -1.41
C THR D 211 -16.79 -8.78 -2.48
N ARG D 212 -17.56 -9.08 -3.52
CA ARG D 212 -17.05 -9.91 -4.61
C ARG D 212 -16.81 -9.05 -5.84
N GLY D 213 -16.88 -7.73 -5.65
CA GLY D 213 -16.67 -6.76 -6.72
C GLY D 213 -17.65 -6.89 -7.87
N THR D 214 -18.89 -7.22 -7.55
CA THR D 214 -19.89 -7.36 -8.59
C THR D 214 -21.01 -6.33 -8.44
N ALA D 215 -20.82 -5.40 -7.51
CA ALA D 215 -21.82 -4.37 -7.25
C ALA D 215 -22.27 -3.59 -8.47
N LEU D 216 -21.33 -2.86 -9.07
CA LEU D 216 -21.64 -2.07 -10.24
C LEU D 216 -22.26 -2.92 -11.33
N ALA D 217 -21.78 -4.15 -11.47
CA ALA D 217 -22.28 -5.07 -12.48
C ALA D 217 -23.76 -5.32 -12.18
N ASN D 218 -24.05 -5.64 -10.92
CA ASN D 218 -25.43 -5.87 -10.54
C ASN D 218 -26.22 -4.60 -10.75
N MSE D 219 -25.59 -3.46 -10.54
CA MSE D 219 -26.29 -2.20 -10.71
C MSE D 219 -26.78 -1.98 -12.12
O MSE D 219 -27.88 -1.47 -12.33
CB MSE D 219 -25.39 -1.07 -10.33
CG MSE D 219 -26.12 0.16 -9.94
SE MSE D 219 -24.86 1.18 -8.88
CE MSE D 219 -24.69 -0.01 -7.34
N VAL D 220 -25.95 -2.34 -13.10
CA VAL D 220 -26.32 -2.18 -14.49
C VAL D 220 -27.57 -3.00 -14.77
N THR D 221 -27.58 -4.25 -14.33
CA THR D 221 -28.74 -5.12 -14.54
C THR D 221 -29.99 -4.46 -13.96
N ALA D 222 -29.83 -3.90 -12.76
CA ALA D 222 -30.94 -3.23 -12.10
C ALA D 222 -31.35 -1.99 -12.91
N LEU D 223 -30.36 -1.21 -13.32
CA LEU D 223 -30.67 -0.01 -14.11
C LEU D 223 -31.52 -0.39 -15.30
N GLN D 224 -31.29 -1.58 -15.80
CA GLN D 224 -32.04 -2.08 -16.95
C GLN D 224 -33.44 -2.52 -16.58
N MSE D 225 -33.63 -2.96 -15.34
CA MSE D 225 -34.95 -3.43 -14.92
C MSE D 225 -35.87 -2.28 -14.57
O MSE D 225 -37.10 -2.43 -14.60
CB MSE D 225 -34.81 -4.36 -13.70
CG MSE D 225 -34.03 -5.64 -13.93
SE MSE D 225 -34.86 -6.78 -15.27
CE MSE D 225 -36.68 -6.73 -14.56
N GLY D 226 -35.30 -1.12 -14.23
CA GLY D 226 -36.10 0.05 -13.87
C GLY D 226 -35.76 0.72 -12.54
N ILE D 227 -35.10 0.01 -11.62
CA ILE D 227 -34.73 0.61 -10.34
C ILE D 227 -33.95 1.88 -10.61
N THR D 228 -34.19 2.92 -9.82
CA THR D 228 -33.48 4.18 -10.03
C THR D 228 -32.95 4.73 -8.72
N VAL D 229 -32.97 3.89 -7.69
CA VAL D 229 -32.50 4.27 -6.37
C VAL D 229 -31.40 3.32 -5.93
N PHE D 230 -30.22 3.86 -5.65
CA PHE D 230 -29.12 3.03 -5.22
C PHE D 230 -28.40 3.60 -4.03
N ASP D 231 -28.10 2.74 -3.08
CA ASP D 231 -27.39 3.14 -1.88
C ASP D 231 -25.91 3.00 -2.10
N GLY D 232 -25.13 3.91 -1.54
CA GLY D 232 -23.69 3.85 -1.67
C GLY D 232 -22.96 4.33 -0.43
N SER D 233 -21.67 4.08 -0.36
CA SER D 233 -20.89 4.52 0.79
C SER D 233 -19.67 5.28 0.28
N ALA D 234 -19.51 6.54 0.68
CA ALA D 234 -18.37 7.32 0.21
C ALA D 234 -17.06 6.56 0.49
N GLY D 235 -16.22 6.45 -0.53
CA GLY D 235 -14.95 5.76 -0.37
C GLY D 235 -15.04 4.24 -0.25
N GLY D 236 -16.24 3.72 -0.02
CA GLY D 236 -16.37 2.28 0.12
C GLY D 236 -16.23 1.88 1.57
N LEU D 237 -16.37 2.86 2.46
CA LEU D 237 -16.26 2.60 3.89
C LEU D 237 -17.09 1.41 4.30
N GLY D 238 -16.68 0.77 5.39
CA GLY D 238 -17.40 -0.36 5.90
C GLY D 238 -16.97 -1.70 5.30
N GLY D 239 -16.34 -2.52 6.12
CA GLY D 239 -15.92 -3.83 5.67
C GLY D 239 -17.04 -4.81 5.91
N CYS D 240 -16.93 -5.99 5.32
CA CYS D 240 -17.95 -7.04 5.48
C CYS D 240 -17.57 -7.90 6.68
N PRO D 241 -18.42 -7.91 7.74
CA PRO D 241 -18.16 -8.69 8.94
C PRO D 241 -18.10 -10.20 8.67
N TYR D 242 -18.78 -10.63 7.62
CA TYR D 242 -18.81 -12.04 7.24
C TYR D 242 -17.48 -12.42 6.60
N ALA D 243 -16.76 -11.42 6.07
CA ALA D 243 -15.46 -11.63 5.44
C ALA D 243 -14.56 -10.42 5.68
N PRO D 244 -13.80 -10.42 6.79
CA PRO D 244 -12.89 -9.33 7.14
C PRO D 244 -11.74 -9.12 6.15
N GLY D 245 -11.40 -7.85 5.91
CA GLY D 245 -10.33 -7.55 4.97
C GLY D 245 -10.85 -7.30 3.55
N SER D 246 -12.15 -7.45 3.36
CA SER D 246 -12.78 -7.23 2.06
C SER D 246 -13.76 -6.06 2.11
N SER D 247 -13.87 -5.33 0.99
CA SER D 247 -14.76 -4.17 0.91
C SER D 247 -16.21 -4.51 1.22
N GLY D 248 -16.99 -3.50 1.59
CA GLY D 248 -18.39 -3.70 1.91
C GLY D 248 -19.29 -3.22 0.80
N ASN D 249 -19.94 -2.07 1.01
CA ASN D 249 -20.83 -1.51 -0.01
C ASN D 249 -20.06 -0.82 -1.10
N ALA D 250 -20.71 -0.68 -2.25
CA ALA D 250 -20.10 -0.03 -3.41
C ALA D 250 -19.72 1.41 -3.10
N ALA D 251 -18.54 1.81 -3.57
CA ALA D 251 -18.07 3.16 -3.35
C ALA D 251 -18.96 4.16 -4.07
N THR D 252 -19.59 5.04 -3.30
CA THR D 252 -20.47 6.04 -3.88
C THR D 252 -19.90 6.72 -5.11
N GLU D 253 -18.66 7.17 -5.03
CA GLU D 253 -18.05 7.85 -6.18
C GLU D 253 -17.99 6.94 -7.40
N ASP D 254 -17.68 5.66 -7.19
CA ASP D 254 -17.61 4.74 -8.31
C ASP D 254 -18.98 4.61 -8.95
N ILE D 255 -20.01 4.66 -8.12
CA ILE D 255 -21.39 4.57 -8.60
C ILE D 255 -21.75 5.84 -9.36
N VAL D 256 -21.42 6.98 -8.77
CA VAL D 256 -21.71 8.27 -9.39
C VAL D 256 -20.94 8.41 -10.71
N TYR D 257 -19.69 7.97 -10.73
CA TYR D 257 -18.88 8.09 -11.95
C TYR D 257 -19.44 7.32 -13.11
N MSE D 258 -19.56 6.01 -12.93
CA MSE D 258 -20.06 5.18 -14.00
C MSE D 258 -21.39 5.68 -14.51
O MSE D 258 -21.65 5.67 -15.71
CB MSE D 258 -20.20 3.75 -13.54
CG MSE D 258 -20.67 2.86 -14.64
SE MSE D 258 -21.10 1.17 -13.94
CE MSE D 258 -22.66 1.69 -12.87
N LEU D 259 -22.26 6.10 -13.59
CA LEU D 259 -23.58 6.60 -13.99
C LEU D 259 -23.41 7.84 -14.88
N GLU D 260 -22.46 8.70 -14.53
CA GLU D 260 -22.24 9.92 -15.31
C GLU D 260 -21.79 9.60 -16.73
N GLN D 261 -20.82 8.72 -16.87
CA GLN D 261 -20.32 8.33 -18.18
C GLN D 261 -21.44 7.73 -19.02
N MSE D 262 -22.45 7.16 -18.37
CA MSE D 262 -23.57 6.58 -19.10
C MSE D 262 -24.63 7.63 -19.43
O MSE D 262 -25.70 7.29 -19.93
CB MSE D 262 -24.20 5.46 -18.29
CG MSE D 262 -23.32 4.24 -18.17
SE MSE D 262 -24.13 2.84 -17.12
CE MSE D 262 -25.59 2.33 -18.27
N ASP D 263 -24.31 8.89 -19.14
CA ASP D 263 -25.21 10.02 -19.38
C ASP D 263 -26.48 9.96 -18.54
N ILE D 264 -26.31 9.56 -17.28
CA ILE D 264 -27.41 9.46 -16.33
C ILE D 264 -27.13 10.48 -15.23
N LYS D 265 -28.06 11.38 -15.00
CA LYS D 265 -27.87 12.40 -13.97
C LYS D 265 -28.07 11.91 -12.55
N THR D 266 -27.15 12.32 -11.68
CA THR D 266 -27.19 11.96 -10.27
C THR D 266 -27.15 13.25 -9.45
N ASN D 267 -26.95 14.37 -10.15
CA ASN D 267 -26.88 15.68 -9.51
C ASN D 267 -25.80 15.73 -8.45
N VAL D 268 -24.86 14.81 -8.52
CA VAL D 268 -23.78 14.77 -7.55
C VAL D 268 -22.50 15.26 -8.18
N LYS D 269 -21.88 16.26 -7.57
CA LYS D 269 -20.64 16.78 -8.10
C LYS D 269 -19.50 15.86 -7.63
N LEU D 270 -19.23 14.86 -8.46
CA LEU D 270 -18.19 13.87 -8.18
C LEU D 270 -16.93 14.45 -7.57
N GLU D 271 -16.40 15.48 -8.21
CA GLU D 271 -15.19 16.14 -7.74
C GLU D 271 -15.26 16.33 -6.21
N LYS D 272 -16.32 16.99 -5.75
CA LYS D 272 -16.50 17.24 -4.32
C LYS D 272 -16.52 15.91 -3.55
N LEU D 273 -17.33 14.97 -4.01
CA LEU D 273 -17.45 13.67 -3.36
C LEU D 273 -16.06 13.05 -3.15
N LEU D 274 -15.31 12.99 -4.25
CA LEU D 274 -13.97 12.42 -4.22
C LEU D 274 -13.13 13.09 -3.14
N SER D 275 -13.21 14.41 -3.08
CA SER D 275 -12.45 15.14 -2.09
C SER D 275 -12.88 14.67 -0.71
N ALA D 276 -14.19 14.50 -0.52
CA ALA D 276 -14.71 14.06 0.77
C ALA D 276 -14.24 12.64 1.11
N ALA D 277 -14.18 11.78 0.10
CA ALA D 277 -13.76 10.41 0.31
C ALA D 277 -12.33 10.41 0.84
N LYS D 278 -11.47 11.18 0.19
CA LYS D 278 -10.07 11.24 0.59
C LYS D 278 -9.92 11.70 2.03
N TRP D 279 -10.77 12.64 2.43
CA TRP D 279 -10.71 13.17 3.78
C TRP D 279 -10.76 12.06 4.82
N ILE D 280 -11.89 11.34 4.91
CA ILE D 280 -12.05 10.25 5.87
C ILE D 280 -10.96 9.21 5.72
N GLU D 281 -10.54 8.95 4.48
CA GLU D 281 -9.49 7.97 4.26
C GLU D 281 -8.28 8.35 5.10
N GLU D 282 -8.01 9.65 5.14
CA GLU D 282 -6.87 10.15 5.90
C GLU D 282 -7.17 10.04 7.39
N LYS D 283 -8.40 10.29 7.77
CA LYS D 283 -8.76 10.18 9.18
C LYS D 283 -8.80 8.69 9.54
N MSE D 284 -8.92 7.84 8.53
CA MSE D 284 -8.97 6.41 8.76
C MSE D 284 -7.57 5.82 8.81
O MSE D 284 -7.36 4.73 9.33
CB MSE D 284 -9.76 5.74 7.65
CG MSE D 284 -10.43 4.45 8.08
SE MSE D 284 -12.17 4.74 8.94
CE MSE D 284 -11.59 5.12 10.71
N GLY D 285 -6.60 6.56 8.26
CA GLY D 285 -5.22 6.10 8.24
C GLY D 285 -5.09 4.79 7.49
N LYS D 286 -6.16 4.40 6.82
CA LYS D 286 -6.18 3.17 6.05
C LYS D 286 -6.72 3.51 4.67
N PRO D 287 -6.24 2.82 3.63
CA PRO D 287 -6.75 3.10 2.28
C PRO D 287 -8.14 2.51 2.04
N LEU D 288 -9.01 3.26 1.37
CA LEU D 288 -10.36 2.78 1.08
C LEU D 288 -10.38 2.08 -0.25
N PRO D 289 -11.25 1.07 -0.41
CA PRO D 289 -11.37 0.30 -1.64
C PRO D 289 -11.78 1.05 -2.92
N SER D 290 -12.31 2.25 -2.75
CA SER D 290 -12.76 3.05 -3.88
C SER D 290 -11.73 3.15 -5.00
N ARG D 291 -12.17 2.82 -6.22
CA ARG D 291 -11.29 2.89 -7.38
C ARG D 291 -11.06 4.33 -7.80
N ASN D 292 -12.12 5.12 -7.97
CA ASN D 292 -11.94 6.49 -8.37
C ASN D 292 -11.19 7.31 -7.35
N LEU D 293 -11.30 6.94 -6.09
CA LEU D 293 -10.56 7.70 -5.08
C LEU D 293 -9.09 7.56 -5.38
N GLN D 294 -8.64 6.36 -5.74
CA GLN D 294 -7.23 6.15 -6.04
C GLN D 294 -6.82 7.02 -7.24
N VAL D 295 -7.65 7.00 -8.29
CA VAL D 295 -7.40 7.79 -9.49
C VAL D 295 -7.35 9.27 -9.12
N PHE D 296 -8.25 9.69 -8.22
CA PHE D 296 -8.31 11.06 -7.79
C PHE D 296 -6.97 11.45 -7.16
N LYS D 297 -6.46 10.60 -6.27
CA LYS D 297 -5.19 10.88 -5.60
C LYS D 297 -4.08 10.89 -6.65
N SER D 298 -4.47 10.84 -7.93
CA SER D 298 -3.55 10.84 -9.05
C SER D 298 -2.39 9.87 -8.81
I IOD E . -10.69 5.27 29.95
I IOD F . 32.02 -1.90 -19.60
I IOD G . 10.76 -5.45 -30.16
I IOD H . -31.43 -1.59 20.41
#